data_2GL7
#
_entry.id   2GL7
#
_cell.length_a   96.764
_cell.length_b   119.441
_cell.length_c   130.549
_cell.angle_alpha   90.00
_cell.angle_beta   90.00
_cell.angle_gamma   90.00
#
_symmetry.space_group_name_H-M   'P 21 21 2'
#
loop_
_entity.id
_entity.type
_entity.pdbx_description
1 polymer Beta-catenin
2 polymer 'Transcription factor 7-like 2'
3 polymer 'B-cell lymphoma 9 protein'
4 water water
#
loop_
_entity_poly.entity_id
_entity_poly.type
_entity_poly.pdbx_seq_one_letter_code
_entity_poly.pdbx_strand_id
1 'polypeptide(L)'
;SNLINEQDDAELATRAIPELTKLLNDEDQVVVNKAAVMVHQLSKKEASRHAIMRSPQMVSAIVRTMQNTNDVETARCTAG
TLHNLSHHREGLLAIFKSGGIPALVKMLGSPVDSVLFYAITTLHNLLLHQEGAKMAVRLAGGLQKMVALLNKTNVKFLAI
TTDCLQILAYGNQESKLIILASGGPQALVNIMRTYTYEKLLWTTSRVLKVLSVCSSNKPAIVEAGGMQALGLHLTDPSQR
LVQNCLWTLRNLSDAATKQEGMEGLLGTLVQLLGSDDINVVTCAAGILSNLTCNNYKNKMMVCQVGGIEALVRTVLRAGD
REDITEPAICALRHLTSRHQEAEMAQNAVRLHYGLPVVVKLLHPPSHWPLIKATVGLIRNLALCPANHAPLREQGAIPRL
VQLLVRAHQDTQRRTSMGGTQQQFVEGVRMEEIVEGCTGALHILARDVHNRIVIRGLNTIPLFVQLLYSPIENIQRVAAG
VLCELAQDKEAAEAIEAEGATAPLTELLHSRNEGVATYAAAVLFRMSEDKPQDYKKRLSVELTSSLFRTE
;
A,D
2 'polypeptide(L)' MPQLNGGGGDDLGANDELISFKDEGEQEEKSSENSSAERDLADVKSSLVNESE B,E
3 'polypeptide(L)' NPDGLSQEQLEHRERSLQTLRDIQRMLFPDEKEFTGAQSGGPQQNP C,F
#
# COMPACT_ATOMS: atom_id res chain seq x y z
N GLU A 6 -24.73 -11.51 -29.42
CA GLU A 6 -23.91 -10.93 -28.31
C GLU A 6 -22.99 -9.81 -28.81
N GLN A 7 -22.36 -10.03 -29.97
CA GLN A 7 -21.50 -9.03 -30.60
C GLN A 7 -22.33 -7.91 -31.26
N ASP A 8 -23.48 -8.28 -31.83
CA ASP A 8 -24.43 -7.29 -32.39
C ASP A 8 -25.09 -6.43 -31.29
N ASP A 9 -25.24 -6.98 -30.10
CA ASP A 9 -25.72 -6.20 -28.95
C ASP A 9 -24.74 -5.08 -28.62
N ALA A 10 -23.45 -5.40 -28.62
CA ALA A 10 -22.39 -4.43 -28.30
C ALA A 10 -22.32 -3.31 -29.33
N GLU A 11 -22.52 -3.63 -30.60
CA GLU A 11 -22.47 -2.64 -31.67
C GLU A 11 -23.63 -1.66 -31.53
N LEU A 12 -24.82 -2.21 -31.28
CA LEU A 12 -26.05 -1.42 -31.12
C LEU A 12 -25.92 -0.44 -29.94
N ALA A 13 -25.42 -0.94 -28.82
CA ALA A 13 -25.24 -0.12 -27.63
C ALA A 13 -24.22 0.99 -27.87
N THR A 14 -23.06 0.63 -28.42
CA THR A 14 -22.01 1.59 -28.72
C THR A 14 -22.49 2.79 -29.55
N ARG A 15 -23.35 2.55 -30.52
CA ARG A 15 -23.86 3.62 -31.39
C ARG A 15 -24.89 4.49 -30.69
N ALA A 16 -25.67 3.88 -29.80
CA ALA A 16 -26.70 4.62 -29.08
C ALA A 16 -26.13 5.55 -28.03
N ILE A 17 -24.97 5.21 -27.46
CA ILE A 17 -24.50 5.85 -26.24
C ILE A 17 -24.20 7.36 -26.35
N PRO A 18 -23.53 7.81 -27.42
CA PRO A 18 -23.25 9.24 -27.59
C PRO A 18 -24.52 10.10 -27.56
N GLU A 19 -25.56 9.66 -28.27
CA GLU A 19 -26.83 10.39 -28.32
C GLU A 19 -27.57 10.32 -26.97
N LEU A 20 -27.44 9.19 -26.27
CA LEU A 20 -28.03 9.00 -24.95
C LEU A 20 -27.37 9.87 -23.92
N THR A 21 -26.12 10.25 -24.18
CA THR A 21 -25.32 11.04 -23.24
C THR A 21 -25.77 12.49 -23.29
N LYS A 22 -25.98 13.02 -24.50
CA LYS A 22 -26.48 14.38 -24.69
C LYS A 22 -27.87 14.57 -24.08
N LEU A 23 -28.73 13.56 -24.22
CA LEU A 23 -30.09 13.63 -23.67
C LEU A 23 -30.07 13.58 -22.13
N LEU A 24 -29.15 12.80 -21.57
CA LEU A 24 -29.02 12.65 -20.13
C LEU A 24 -28.47 13.91 -19.46
N ASN A 25 -27.67 14.70 -20.17
CA ASN A 25 -27.20 15.97 -19.61
C ASN A 25 -27.84 17.16 -20.34
N ASP A 26 -29.17 17.09 -20.42
CA ASP A 26 -30.00 18.12 -21.05
C ASP A 26 -30.72 18.95 -19.98
N GLU A 27 -31.12 20.17 -20.34
CA GLU A 27 -31.83 21.09 -19.42
C GLU A 27 -33.18 20.57 -18.94
N ASP A 28 -33.95 20.01 -19.87
CA ASP A 28 -35.30 19.58 -19.59
C ASP A 28 -35.30 18.28 -18.78
N GLN A 29 -35.81 18.34 -17.55
CA GLN A 29 -35.79 17.19 -16.64
C GLN A 29 -36.74 16.05 -17.05
N VAL A 30 -37.71 16.34 -17.92
CA VAL A 30 -38.55 15.28 -18.47
C VAL A 30 -37.75 14.43 -19.44
N VAL A 31 -36.89 15.11 -20.21
CA VAL A 31 -35.95 14.43 -21.10
C VAL A 31 -34.96 13.57 -20.30
N VAL A 32 -34.43 14.14 -19.22
CA VAL A 32 -33.41 13.48 -18.41
C VAL A 32 -33.97 12.24 -17.71
N ASN A 33 -35.20 12.34 -17.23
CA ASN A 33 -35.83 11.23 -16.52
C ASN A 33 -35.96 10.01 -17.42
N LYS A 34 -36.48 10.22 -18.63
CA LYS A 34 -36.67 9.15 -19.60
C LYS A 34 -35.33 8.55 -20.04
N ALA A 35 -34.34 9.40 -20.27
CA ALA A 35 -33.00 8.95 -20.67
C ALA A 35 -32.33 8.11 -19.58
N ALA A 36 -32.61 8.42 -18.32
CA ALA A 36 -31.97 7.75 -17.19
C ALA A 36 -32.63 6.41 -16.91
N VAL A 37 -33.93 6.32 -17.19
CA VAL A 37 -34.66 5.08 -17.07
C VAL A 37 -34.13 4.08 -18.09
N MET A 38 -33.85 4.58 -19.29
CA MET A 38 -33.34 3.75 -20.39
C MET A 38 -31.90 3.32 -20.15
N VAL A 39 -31.07 4.23 -19.62
CA VAL A 39 -29.68 3.92 -19.31
C VAL A 39 -29.61 2.81 -18.26
N HIS A 40 -30.58 2.77 -17.36
CA HIS A 40 -30.64 1.75 -16.32
C HIS A 40 -31.01 0.39 -16.91
N GLN A 41 -31.98 0.38 -17.81
CA GLN A 41 -32.39 -0.85 -18.50
C GLN A 41 -31.21 -1.43 -19.31
N LEU A 42 -30.47 -0.55 -19.98
CA LEU A 42 -29.26 -0.95 -20.69
C LEU A 42 -28.25 -1.61 -19.77
N SER A 43 -28.07 -1.07 -18.56
CA SER A 43 -27.06 -1.55 -17.62
C SER A 43 -27.35 -2.94 -17.02
N LYS A 44 -28.56 -3.46 -17.22
CA LYS A 44 -28.88 -4.82 -16.79
C LYS A 44 -28.32 -5.89 -17.72
N LYS A 45 -28.27 -5.61 -19.02
CA LYS A 45 -27.73 -6.55 -19.99
C LYS A 45 -26.20 -6.47 -20.08
N GLU A 46 -25.54 -7.62 -20.14
CA GLU A 46 -24.06 -7.70 -20.08
C GLU A 46 -23.36 -6.96 -21.21
N ALA A 47 -23.88 -7.08 -22.42
CA ALA A 47 -23.23 -6.51 -23.59
C ALA A 47 -23.28 -4.98 -23.60
N SER A 48 -24.44 -4.42 -23.27
CA SER A 48 -24.63 -2.96 -23.35
C SER A 48 -24.05 -2.23 -22.14
N ARG A 49 -23.80 -2.94 -21.04
CA ARG A 49 -23.21 -2.32 -19.86
C ARG A 49 -21.69 -2.22 -20.00
N HIS A 50 -21.11 -3.11 -20.80
CA HIS A 50 -19.71 -3.03 -21.19
C HIS A 50 -19.48 -1.80 -22.07
N ALA A 51 -20.47 -1.48 -22.89
CA ALA A 51 -20.44 -0.28 -23.71
C ALA A 51 -20.53 0.98 -22.83
N ILE A 52 -21.34 0.90 -21.77
CA ILE A 52 -21.56 2.05 -20.88
C ILE A 52 -20.31 2.39 -20.07
N MET A 53 -19.61 1.37 -19.56
CA MET A 53 -18.45 1.61 -18.71
C MET A 53 -17.20 2.00 -19.50
N ARG A 54 -17.25 1.80 -20.82
CA ARG A 54 -16.14 2.19 -21.69
C ARG A 54 -16.35 3.59 -22.28
N SER A 55 -17.44 4.26 -21.91
CA SER A 55 -17.69 5.65 -22.27
C SER A 55 -17.53 6.59 -21.06
N PRO A 56 -16.39 7.28 -20.93
CA PRO A 56 -16.17 8.15 -19.78
C PRO A 56 -17.21 9.26 -19.67
N GLN A 57 -17.71 9.75 -20.79
CA GLN A 57 -18.66 10.85 -20.79
C GLN A 57 -20.04 10.43 -20.31
N MET A 58 -20.45 9.20 -20.66
CA MET A 58 -21.71 8.61 -20.22
C MET A 58 -21.67 8.39 -18.73
N VAL A 59 -20.58 7.83 -18.23
CA VAL A 59 -20.47 7.57 -16.80
C VAL A 59 -20.47 8.87 -16.00
N SER A 60 -19.85 9.90 -16.55
CA SER A 60 -19.85 11.23 -15.93
C SER A 60 -21.25 11.81 -15.92
N ALA A 61 -22.00 11.65 -17.01
CA ALA A 61 -23.36 12.15 -17.09
C ALA A 61 -24.24 11.50 -16.05
N ILE A 62 -24.03 10.20 -15.83
CA ILE A 62 -24.77 9.44 -14.83
C ILE A 62 -24.47 9.96 -13.42
N VAL A 63 -23.20 10.26 -13.15
CA VAL A 63 -22.77 10.73 -11.83
C VAL A 63 -23.32 12.15 -11.56
N ARG A 64 -23.11 13.06 -12.51
CA ARG A 64 -23.64 14.42 -12.44
C ARG A 64 -25.16 14.46 -12.18
N THR A 65 -25.90 13.61 -12.89
CA THR A 65 -27.36 13.54 -12.79
C THR A 65 -27.82 13.02 -11.44
N MET A 66 -27.08 12.06 -10.88
CA MET A 66 -27.39 11.50 -9.57
C MET A 66 -27.22 12.55 -8.46
N GLN A 67 -26.13 13.30 -8.52
CA GLN A 67 -25.85 14.39 -7.58
C GLN A 67 -26.94 15.46 -7.61
N ASN A 68 -27.42 15.80 -8.81
CA ASN A 68 -28.19 17.02 -9.04
C ASN A 68 -29.71 16.86 -9.11
N THR A 69 -30.20 15.66 -9.35
CA THR A 69 -31.62 15.48 -9.65
C THR A 69 -32.49 15.61 -8.41
N ASN A 70 -33.68 16.18 -8.59
CA ASN A 70 -34.70 16.21 -7.54
C ASN A 70 -35.79 15.18 -7.77
N ASP A 71 -35.75 14.48 -8.89
CA ASP A 71 -36.70 13.43 -9.21
C ASP A 71 -36.27 12.11 -8.56
N VAL A 72 -37.24 11.38 -8.00
CA VAL A 72 -36.96 10.17 -7.21
C VAL A 72 -36.64 8.99 -8.11
N GLU A 73 -37.43 8.82 -9.17
CA GLU A 73 -37.18 7.77 -10.16
C GLU A 73 -35.81 7.93 -10.82
N THR A 74 -35.37 9.18 -11.01
CA THR A 74 -34.10 9.44 -11.65
C THR A 74 -32.92 9.19 -10.70
N ALA A 75 -33.16 9.39 -9.41
CA ALA A 75 -32.18 9.05 -8.38
C ALA A 75 -31.99 7.54 -8.29
N ARG A 76 -33.10 6.81 -8.31
CA ARG A 76 -33.10 5.36 -8.20
C ARG A 76 -32.42 4.71 -9.39
N CYS A 77 -32.69 5.20 -10.61
CA CYS A 77 -32.17 4.62 -11.84
C CYS A 77 -30.67 4.85 -12.04
N THR A 78 -30.21 6.08 -11.81
CA THR A 78 -28.79 6.39 -11.93
C THR A 78 -27.98 5.65 -10.89
N ALA A 79 -28.51 5.55 -9.68
CA ALA A 79 -27.81 4.87 -8.59
C ALA A 79 -27.77 3.38 -8.86
N GLY A 80 -28.81 2.86 -9.50
CA GLY A 80 -28.86 1.46 -9.87
C GLY A 80 -27.91 1.19 -11.02
N THR A 81 -27.81 2.14 -11.94
CA THR A 81 -26.89 2.05 -13.04
C THR A 81 -25.47 1.93 -12.49
N LEU A 82 -25.06 2.86 -11.66
CA LEU A 82 -23.72 2.83 -11.08
C LEU A 82 -23.47 1.54 -10.32
N HIS A 83 -24.48 1.02 -9.66
CA HIS A 83 -24.37 -0.22 -8.89
C HIS A 83 -24.12 -1.44 -9.79
N ASN A 84 -24.78 -1.50 -10.93
CA ASN A 84 -24.51 -2.55 -11.92
C ASN A 84 -23.09 -2.47 -12.50
N LEU A 85 -22.61 -1.27 -12.76
CA LEU A 85 -21.24 -1.08 -13.24
C LEU A 85 -20.20 -1.50 -12.19
N SER A 86 -20.55 -1.44 -10.91
CA SER A 86 -19.61 -1.69 -9.83
C SER A 86 -19.28 -3.18 -9.55
N HIS A 87 -19.82 -4.08 -10.37
CA HIS A 87 -19.53 -5.50 -10.25
C HIS A 87 -18.34 -5.89 -11.12
N HIS A 88 -17.83 -4.94 -11.90
CA HIS A 88 -16.72 -5.18 -12.81
C HIS A 88 -15.57 -4.21 -12.57
N ARG A 89 -14.34 -4.73 -12.60
CA ARG A 89 -13.12 -3.95 -12.38
C ARG A 89 -13.10 -2.66 -13.20
N GLU A 90 -13.45 -2.77 -14.46
CA GLU A 90 -13.43 -1.65 -15.40
C GLU A 90 -14.53 -0.63 -15.13
N GLY A 91 -15.67 -1.10 -14.63
CA GLY A 91 -16.74 -0.23 -14.19
C GLY A 91 -16.41 0.52 -12.91
N LEU A 92 -15.76 -0.17 -11.97
CA LEU A 92 -15.26 0.47 -10.76
C LEU A 92 -14.29 1.61 -11.03
N LEU A 93 -13.38 1.40 -11.98
CA LEU A 93 -12.40 2.41 -12.35
C LEU A 93 -13.07 3.62 -13.02
N ALA A 94 -14.11 3.36 -13.82
CA ALA A 94 -14.83 4.44 -14.46
C ALA A 94 -15.55 5.32 -13.43
N ILE A 95 -16.20 4.67 -12.45
CA ILE A 95 -16.91 5.38 -11.36
C ILE A 95 -15.94 6.23 -10.55
N PHE A 96 -14.76 5.71 -10.27
CA PHE A 96 -13.74 6.42 -9.49
C PHE A 96 -13.29 7.64 -10.28
N LYS A 97 -12.90 7.41 -11.53
CA LYS A 97 -12.36 8.45 -12.41
C LYS A 97 -13.37 9.56 -12.71
N SER A 98 -14.66 9.30 -12.53
CA SER A 98 -15.70 10.29 -12.84
C SER A 98 -16.25 11.06 -11.62
N GLY A 99 -15.54 11.02 -10.49
CA GLY A 99 -15.96 11.75 -9.31
C GLY A 99 -17.22 11.15 -8.70
N GLY A 100 -17.34 9.84 -8.84
CA GLY A 100 -18.49 9.11 -8.36
C GLY A 100 -18.48 8.78 -6.86
N ILE A 101 -17.31 8.76 -6.23
CA ILE A 101 -17.26 8.55 -4.79
C ILE A 101 -17.90 9.71 -4.00
N PRO A 102 -17.48 10.96 -4.21
CA PRO A 102 -18.16 12.11 -3.57
C PRO A 102 -19.68 12.16 -3.80
N ALA A 103 -20.13 11.73 -4.97
CA ALA A 103 -21.56 11.72 -5.30
C ALA A 103 -22.30 10.68 -4.51
N LEU A 104 -21.73 9.48 -4.42
CA LEU A 104 -22.34 8.38 -3.69
C LEU A 104 -22.43 8.71 -2.20
N VAL A 105 -21.43 9.42 -1.68
CA VAL A 105 -21.42 9.84 -0.27
C VAL A 105 -22.56 10.81 0.02
N LYS A 106 -22.85 11.71 -0.92
CA LYS A 106 -24.00 12.60 -0.79
C LYS A 106 -25.31 11.78 -0.71
N MET A 107 -25.39 10.72 -1.52
CA MET A 107 -26.58 9.90 -1.60
C MET A 107 -26.82 9.07 -0.34
N LEU A 108 -25.82 8.95 0.53
CA LEU A 108 -26.00 8.33 1.85
C LEU A 108 -26.87 9.20 2.78
N GLY A 109 -27.25 10.38 2.34
CA GLY A 109 -28.17 11.23 3.09
C GLY A 109 -29.55 11.25 2.48
N SER A 110 -29.80 10.38 1.50
CA SER A 110 -31.09 10.31 0.81
C SER A 110 -32.19 9.73 1.71
N PRO A 111 -33.40 10.30 1.63
CA PRO A 111 -34.56 9.70 2.29
C PRO A 111 -35.18 8.56 1.47
N VAL A 112 -34.69 8.33 0.26
CA VAL A 112 -35.17 7.24 -0.56
C VAL A 112 -34.33 6.01 -0.25
N ASP A 113 -34.93 5.03 0.40
CA ASP A 113 -34.21 3.85 0.86
C ASP A 113 -33.49 3.10 -0.27
N SER A 114 -34.09 3.05 -1.45
CA SER A 114 -33.51 2.31 -2.57
C SER A 114 -32.22 2.97 -3.05
N VAL A 115 -32.20 4.29 -3.02
CA VAL A 115 -31.00 5.05 -3.34
C VAL A 115 -29.94 4.82 -2.27
N LEU A 116 -30.37 4.74 -1.01
CA LEU A 116 -29.48 4.53 0.12
C LEU A 116 -28.80 3.18 0.00
N PHE A 117 -29.60 2.17 -0.32
CA PHE A 117 -29.14 0.79 -0.45
C PHE A 117 -28.20 0.59 -1.64
N TYR A 118 -28.51 1.21 -2.77
CA TYR A 118 -27.59 1.25 -3.91
C TYR A 118 -26.29 1.95 -3.55
N ALA A 119 -26.37 3.01 -2.76
CA ALA A 119 -25.20 3.86 -2.53
C ALA A 119 -24.18 3.17 -1.63
N ILE A 120 -24.67 2.51 -0.59
CA ILE A 120 -23.80 1.80 0.34
C ILE A 120 -23.18 0.53 -0.28
N THR A 121 -23.96 -0.24 -1.03
CA THR A 121 -23.45 -1.47 -1.68
C THR A 121 -22.40 -1.16 -2.77
N THR A 122 -22.64 -0.10 -3.54
CA THR A 122 -21.68 0.37 -4.54
C THR A 122 -20.39 0.81 -3.87
N LEU A 123 -20.54 1.52 -2.74
CA LEU A 123 -19.39 2.04 -1.99
C LEU A 123 -18.62 0.91 -1.35
N HIS A 124 -19.33 -0.11 -0.88
CA HIS A 124 -18.73 -1.33 -0.38
C HIS A 124 -17.90 -2.03 -1.47
N ASN A 125 -18.39 -2.05 -2.70
CA ASN A 125 -17.65 -2.66 -3.80
C ASN A 125 -16.37 -1.90 -4.11
N LEU A 126 -16.45 -0.58 -4.04
CA LEU A 126 -15.31 0.27 -4.35
C LEU A 126 -14.24 0.14 -3.27
N LEU A 127 -14.68 -0.02 -2.02
CA LEU A 127 -13.75 -0.10 -0.89
C LEU A 127 -12.99 -1.42 -0.88
N LEU A 128 -13.63 -2.47 -1.39
CA LEU A 128 -13.00 -3.79 -1.47
C LEU A 128 -11.99 -3.88 -2.60
N HIS A 129 -12.32 -3.33 -3.77
CA HIS A 129 -11.63 -3.67 -5.03
C HIS A 129 -10.94 -2.53 -5.78
N GLN A 130 -11.10 -1.28 -5.34
CA GLN A 130 -10.61 -0.13 -6.10
C GLN A 130 -9.54 0.66 -5.34
N GLU A 131 -8.30 0.57 -5.82
CA GLU A 131 -7.19 1.38 -5.30
C GLU A 131 -7.56 2.87 -5.29
N GLY A 132 -7.42 3.51 -4.13
CA GLY A 132 -7.72 4.93 -3.97
C GLY A 132 -9.09 5.23 -3.36
N ALA A 133 -9.99 4.25 -3.35
CA ALA A 133 -11.36 4.44 -2.88
C ALA A 133 -11.49 4.77 -1.38
N LYS A 134 -10.58 4.26 -0.56
CA LYS A 134 -10.59 4.56 0.88
C LYS A 134 -10.30 6.03 1.18
N MET A 135 -9.23 6.60 0.63
CA MET A 135 -8.90 7.99 0.90
C MET A 135 -9.99 8.90 0.38
N ALA A 136 -10.60 8.55 -0.73
CA ALA A 136 -11.63 9.37 -1.33
C ALA A 136 -12.90 9.42 -0.45
N VAL A 137 -13.35 8.27 0.04
CA VAL A 137 -14.51 8.19 0.92
C VAL A 137 -14.25 9.00 2.20
N ARG A 138 -13.06 8.86 2.77
CA ARG A 138 -12.66 9.63 3.95
C ARG A 138 -12.69 11.11 3.67
N LEU A 139 -12.11 11.49 2.55
CA LEU A 139 -11.99 12.89 2.11
C LEU A 139 -13.36 13.52 1.93
N ALA A 140 -14.35 12.72 1.56
CA ALA A 140 -15.68 13.20 1.22
C ALA A 140 -16.59 13.27 2.45
N GLY A 141 -16.08 12.84 3.60
CA GLY A 141 -16.83 12.89 4.85
C GLY A 141 -17.82 11.76 4.95
N GLY A 142 -17.44 10.60 4.43
CA GLY A 142 -18.33 9.45 4.38
C GLY A 142 -18.49 8.78 5.72
N LEU A 143 -17.49 8.91 6.60
CA LEU A 143 -17.52 8.23 7.90
C LEU A 143 -18.59 8.80 8.80
N GLN A 144 -18.68 10.13 8.90
CA GLN A 144 -19.70 10.80 9.71
C GLN A 144 -21.09 10.31 9.29
N LYS A 145 -21.31 10.28 7.97
CA LYS A 145 -22.55 9.78 7.42
C LYS A 145 -22.83 8.30 7.71
N MET A 146 -21.83 7.44 7.64
CA MET A 146 -22.06 6.00 7.88
C MET A 146 -22.40 5.72 9.33
N VAL A 147 -21.78 6.48 10.22
CA VAL A 147 -22.05 6.35 11.65
C VAL A 147 -23.46 6.79 11.97
N ALA A 148 -23.92 7.85 11.32
CA ALA A 148 -25.29 8.32 11.50
C ALA A 148 -26.30 7.28 11.02
N LEU A 149 -25.92 6.47 10.04
CA LEU A 149 -26.82 5.44 9.52
C LEU A 149 -26.93 4.19 10.42
N LEU A 150 -26.13 4.13 11.48
CA LEU A 150 -26.15 2.98 12.41
C LEU A 150 -27.42 2.93 13.31
N ASN A 151 -28.23 3.99 13.26
CA ASN A 151 -29.52 4.00 13.93
C ASN A 151 -30.70 3.56 13.02
N LYS A 152 -30.42 3.15 11.79
CA LYS A 152 -31.41 2.44 10.97
C LYS A 152 -31.66 1.05 11.52
N THR A 153 -32.70 0.36 11.03
CA THR A 153 -33.12 -0.95 11.58
C THR A 153 -33.15 -2.13 10.58
N ASN A 154 -32.85 -1.89 9.32
CA ASN A 154 -32.69 -2.98 8.37
C ASN A 154 -31.34 -3.67 8.60
N VAL A 155 -31.37 -4.92 9.08
CA VAL A 155 -30.16 -5.62 9.53
C VAL A 155 -29.14 -5.88 8.41
N LYS A 156 -29.61 -6.13 7.19
CA LYS A 156 -28.72 -6.30 6.04
C LYS A 156 -27.97 -5.00 5.68
N PHE A 157 -28.69 -3.88 5.64
CA PHE A 157 -28.10 -2.58 5.39
C PHE A 157 -27.06 -2.24 6.45
N LEU A 158 -27.36 -2.59 7.70
CA LEU A 158 -26.44 -2.34 8.82
C LEU A 158 -25.18 -3.20 8.68
N ALA A 159 -25.32 -4.42 8.17
CA ALA A 159 -24.17 -5.31 8.03
C ALA A 159 -23.17 -4.75 7.03
N ILE A 160 -23.67 -4.13 5.97
CA ILE A 160 -22.80 -3.56 4.95
C ILE A 160 -22.24 -2.25 5.41
N THR A 161 -23.02 -1.49 6.17
CA THR A 161 -22.55 -0.22 6.68
C THR A 161 -21.40 -0.46 7.64
N THR A 162 -21.56 -1.42 8.54
CA THR A 162 -20.54 -1.69 9.54
C THR A 162 -19.28 -2.28 8.89
N ASP A 163 -19.46 -3.06 7.83
CA ASP A 163 -18.29 -3.54 7.11
C ASP A 163 -17.54 -2.43 6.40
N CYS A 164 -18.24 -1.40 5.92
CA CYS A 164 -17.57 -0.24 5.32
C CYS A 164 -16.75 0.50 6.39
N LEU A 165 -17.29 0.58 7.61
CA LEU A 165 -16.61 1.22 8.74
C LEU A 165 -15.32 0.48 9.10
N GLN A 166 -15.35 -0.84 8.97
CA GLN A 166 -14.24 -1.67 9.38
C GLN A 166 -13.11 -1.55 8.37
N ILE A 167 -13.46 -1.54 7.09
CA ILE A 167 -12.49 -1.37 6.02
C ILE A 167 -11.77 -0.05 6.14
N LEU A 168 -12.53 1.00 6.48
CA LEU A 168 -12.00 2.36 6.52
C LEU A 168 -11.24 2.68 7.81
N ALA A 169 -11.55 2.00 8.89
CA ALA A 169 -10.94 2.30 10.17
C ALA A 169 -9.61 1.56 10.36
N TYR A 170 -9.46 0.40 9.72
CA TYR A 170 -8.25 -0.41 9.85
C TYR A 170 -6.96 0.33 9.50
N GLY A 171 -6.08 0.47 10.50
CA GLY A 171 -4.79 1.10 10.32
C GLY A 171 -4.85 2.59 10.05
N ASN A 172 -5.96 3.24 10.39
CA ASN A 172 -6.12 4.67 10.12
C ASN A 172 -6.63 5.42 11.35
N GLN A 173 -5.74 6.12 12.03
CA GLN A 173 -6.08 6.83 13.26
C GLN A 173 -7.16 7.88 13.05
N GLU A 174 -7.13 8.56 11.90
CA GLU A 174 -8.05 9.67 11.63
C GLU A 174 -9.49 9.20 11.55
N SER A 175 -9.69 8.01 10.98
CA SER A 175 -11.02 7.45 10.77
C SER A 175 -11.57 6.90 12.07
N LYS A 176 -10.69 6.40 12.94
CA LYS A 176 -11.07 5.96 14.27
C LYS A 176 -11.60 7.09 15.15
N LEU A 177 -10.97 8.26 15.06
CA LEU A 177 -11.36 9.42 15.87
C LEU A 177 -12.65 10.04 15.35
N ILE A 178 -12.85 10.02 14.04
CA ILE A 178 -14.06 10.55 13.44
C ILE A 178 -15.23 9.70 13.89
N ILE A 179 -15.05 8.39 13.80
CA ILE A 179 -16.03 7.43 14.27
C ILE A 179 -16.35 7.71 15.74
N LEU A 180 -15.33 7.94 16.55
CA LEU A 180 -15.56 8.25 17.97
C LEU A 180 -16.29 9.59 18.18
N ALA A 181 -15.99 10.59 17.36
CA ALA A 181 -16.58 11.93 17.53
C ALA A 181 -18.04 11.95 17.08
N SER A 182 -18.46 10.96 16.30
CA SER A 182 -19.82 10.87 15.78
C SER A 182 -20.74 9.91 16.55
N GLY A 183 -20.28 9.42 17.70
CA GLY A 183 -21.07 8.54 18.55
C GLY A 183 -21.01 7.08 18.12
N GLY A 184 -19.89 6.71 17.53
CA GLY A 184 -19.72 5.38 16.96
C GLY A 184 -19.80 4.25 17.97
N PRO A 185 -18.99 4.31 19.03
CA PRO A 185 -19.02 3.31 20.10
C PRO A 185 -20.39 2.95 20.66
N GLN A 186 -21.18 3.93 21.09
CA GLN A 186 -22.49 3.64 21.64
C GLN A 186 -23.41 2.97 20.60
N ALA A 187 -23.32 3.39 19.35
CA ALA A 187 -24.16 2.82 18.31
C ALA A 187 -23.75 1.39 17.98
N LEU A 188 -22.46 1.10 18.00
CA LEU A 188 -21.95 -0.24 17.71
C LEU A 188 -22.28 -1.19 18.86
N VAL A 189 -22.05 -0.73 20.07
CA VAL A 189 -22.33 -1.51 21.27
C VAL A 189 -23.83 -1.80 21.38
N ASN A 190 -24.66 -0.85 20.97
CA ASN A 190 -26.11 -1.03 20.98
C ASN A 190 -26.54 -2.10 19.99
N ILE A 191 -25.91 -2.10 18.81
CA ILE A 191 -26.18 -3.14 17.82
C ILE A 191 -25.89 -4.51 18.43
N MET A 192 -24.74 -4.65 19.10
CA MET A 192 -24.38 -5.92 19.75
C MET A 192 -25.42 -6.33 20.82
N ARG A 193 -26.03 -5.35 21.46
CA ARG A 193 -27.01 -5.57 22.52
C ARG A 193 -28.45 -5.83 22.02
N THR A 194 -28.68 -5.78 20.72
CA THR A 194 -30.03 -5.70 20.17
C THR A 194 -30.38 -6.79 19.14
N TYR A 195 -29.47 -7.06 18.22
CA TYR A 195 -29.76 -7.91 17.09
C TYR A 195 -29.17 -9.31 17.23
N THR A 196 -29.71 -10.26 16.46
CA THR A 196 -29.28 -11.66 16.48
C THR A 196 -28.84 -12.17 15.12
N TYR A 197 -28.87 -11.30 14.11
CA TYR A 197 -28.45 -11.65 12.77
C TYR A 197 -26.93 -11.81 12.83
N GLU A 198 -26.43 -13.01 12.53
CA GLU A 198 -25.02 -13.32 12.76
C GLU A 198 -24.07 -12.57 11.83
N LYS A 199 -24.51 -12.26 10.61
CA LYS A 199 -23.67 -11.47 9.71
C LYS A 199 -23.41 -10.08 10.28
N LEU A 200 -24.43 -9.46 10.85
CA LEU A 200 -24.32 -8.13 11.42
C LEU A 200 -23.49 -8.12 12.71
N LEU A 201 -23.70 -9.11 13.56
CA LEU A 201 -22.93 -9.21 14.79
C LEU A 201 -21.45 -9.38 14.49
N TRP A 202 -21.16 -10.18 13.46
CA TRP A 202 -19.79 -10.42 13.01
C TRP A 202 -19.08 -9.14 12.50
N THR A 203 -19.68 -8.43 11.55
CA THR A 203 -19.09 -7.20 11.03
C THR A 203 -18.95 -6.11 12.11
N THR A 204 -19.96 -5.98 12.97
CA THR A 204 -19.92 -4.98 14.03
C THR A 204 -18.79 -5.28 15.03
N SER A 205 -18.65 -6.55 15.40
CA SER A 205 -17.57 -6.98 16.27
C SER A 205 -16.19 -6.73 15.66
N ARG A 206 -16.10 -6.77 14.34
CA ARG A 206 -14.84 -6.46 13.67
C ARG A 206 -14.46 -4.97 13.72
N VAL A 207 -15.47 -4.09 13.69
CA VAL A 207 -15.24 -2.65 13.85
C VAL A 207 -14.77 -2.38 15.27
N LEU A 208 -15.47 -2.95 16.25
CA LEU A 208 -15.10 -2.77 17.65
C LEU A 208 -13.69 -3.31 17.91
N LYS A 209 -13.32 -4.41 17.27
CA LYS A 209 -11.96 -4.93 17.38
C LYS A 209 -10.93 -3.91 16.91
N VAL A 210 -11.21 -3.21 15.83
CA VAL A 210 -10.30 -2.22 15.26
C VAL A 210 -10.23 -0.96 16.12
N LEU A 211 -11.33 -0.58 16.73
CA LEU A 211 -11.39 0.59 17.59
C LEU A 211 -10.79 0.31 18.96
N SER A 212 -10.68 -0.96 19.35
CA SER A 212 -10.26 -1.34 20.69
C SER A 212 -8.76 -1.16 20.93
N VAL A 213 -7.98 -0.97 19.86
CA VAL A 213 -6.55 -0.69 19.96
C VAL A 213 -6.23 0.79 20.04
N CYS A 214 -7.23 1.63 19.76
CA CYS A 214 -7.09 3.08 19.86
C CYS A 214 -7.36 3.50 21.30
N SER A 215 -6.53 4.41 21.81
CA SER A 215 -6.57 4.81 23.22
C SER A 215 -7.58 5.94 23.55
N SER A 216 -8.21 6.52 22.54
CA SER A 216 -9.38 7.38 22.76
C SER A 216 -10.67 6.56 22.70
N ASN A 217 -10.76 5.63 21.73
CA ASN A 217 -11.95 4.79 21.56
C ASN A 217 -12.13 3.74 22.64
N LYS A 218 -11.02 3.21 23.15
CA LYS A 218 -11.08 2.09 24.10
C LYS A 218 -11.84 2.43 25.38
N PRO A 219 -11.50 3.52 26.06
CA PRO A 219 -12.31 3.95 27.22
C PRO A 219 -13.79 4.23 26.88
N ALA A 220 -14.05 4.75 25.68
CA ALA A 220 -15.41 5.05 25.26
C ALA A 220 -16.25 3.78 25.06
N ILE A 221 -15.64 2.71 24.54
CA ILE A 221 -16.31 1.43 24.37
C ILE A 221 -16.65 0.80 25.73
N VAL A 222 -15.70 0.87 26.67
CA VAL A 222 -15.92 0.37 28.02
C VAL A 222 -17.07 1.12 28.73
N GLU A 223 -17.12 2.45 28.59
CA GLU A 223 -18.17 3.23 29.26
C GLU A 223 -19.58 2.92 28.74
N ALA A 224 -19.68 2.57 27.46
CA ALA A 224 -20.96 2.25 26.82
C ALA A 224 -21.48 0.85 27.15
N GLY A 225 -20.68 0.04 27.83
CA GLY A 225 -21.04 -1.32 28.20
C GLY A 225 -20.66 -2.35 27.14
N GLY A 226 -19.62 -2.08 26.37
CA GLY A 226 -19.18 -3.00 25.33
C GLY A 226 -18.58 -4.29 25.87
N MET A 227 -18.07 -4.25 27.09
CA MET A 227 -17.43 -5.40 27.71
C MET A 227 -18.50 -6.46 27.97
N GLN A 228 -19.62 -5.99 28.52
CA GLN A 228 -20.77 -6.81 28.86
C GLN A 228 -21.56 -7.23 27.61
N ALA A 229 -21.60 -6.35 26.61
CA ALA A 229 -22.32 -6.62 25.37
C ALA A 229 -21.62 -7.69 24.53
N LEU A 230 -20.29 -7.64 24.50
CA LEU A 230 -19.50 -8.63 23.77
C LEU A 230 -19.57 -9.99 24.45
N GLY A 231 -19.71 -9.97 25.77
CA GLY A 231 -19.80 -11.18 26.57
C GLY A 231 -21.03 -12.00 26.26
N LEU A 232 -22.12 -11.32 25.91
CA LEU A 232 -23.39 -11.93 25.51
C LEU A 232 -23.29 -12.98 24.36
N HIS A 233 -22.23 -12.89 23.57
CA HIS A 233 -22.07 -13.72 22.38
C HIS A 233 -20.91 -14.70 22.45
N LEU A 234 -20.36 -14.90 23.65
CA LEU A 234 -19.18 -15.76 23.80
C LEU A 234 -19.49 -17.27 23.62
N THR A 235 -20.77 -17.66 23.65
CA THR A 235 -21.19 -19.05 23.36
C THR A 235 -22.07 -19.18 22.09
N ASP A 236 -21.94 -18.23 21.17
CA ASP A 236 -22.66 -18.29 19.89
C ASP A 236 -22.07 -19.46 19.06
N PRO A 237 -22.89 -20.20 18.30
CA PRO A 237 -22.35 -21.24 17.42
C PRO A 237 -21.33 -20.74 16.37
N SER A 238 -21.37 -19.47 15.97
CA SER A 238 -20.41 -18.93 15.00
C SER A 238 -19.05 -18.66 15.64
N GLN A 239 -18.00 -19.34 15.18
CA GLN A 239 -16.66 -19.18 15.74
C GLN A 239 -16.03 -17.83 15.40
N ARG A 240 -16.26 -17.35 14.17
CA ARG A 240 -15.67 -16.07 13.78
C ARG A 240 -16.23 -14.93 14.64
N LEU A 241 -17.48 -15.04 15.06
CA LEU A 241 -18.04 -14.09 16.01
C LEU A 241 -17.34 -14.18 17.38
N VAL A 242 -17.20 -15.40 17.90
CA VAL A 242 -16.61 -15.61 19.23
C VAL A 242 -15.18 -15.09 19.27
N GLN A 243 -14.39 -15.44 18.28
CA GLN A 243 -12.98 -15.05 18.22
C GLN A 243 -12.81 -13.54 18.10
N ASN A 244 -13.75 -12.86 17.43
CA ASN A 244 -13.66 -11.41 17.29
C ASN A 244 -14.04 -10.71 18.58
N CYS A 245 -15.04 -11.24 19.26
CA CYS A 245 -15.47 -10.75 20.55
C CYS A 245 -14.35 -10.89 21.57
N LEU A 246 -13.68 -12.04 21.57
CA LEU A 246 -12.56 -12.32 22.46
C LEU A 246 -11.34 -11.46 22.19
N TRP A 247 -10.95 -11.32 20.92
CA TRP A 247 -9.82 -10.44 20.55
C TRP A 247 -10.09 -9.01 21.04
N THR A 248 -11.35 -8.58 20.93
CA THR A 248 -11.76 -7.23 21.28
C THR A 248 -11.76 -7.07 22.79
N LEU A 249 -12.37 -8.02 23.49
CA LEU A 249 -12.38 -8.01 24.95
C LEU A 249 -10.97 -7.98 25.53
N ARG A 250 -10.03 -8.69 24.91
CA ARG A 250 -8.64 -8.66 25.36
C ARG A 250 -8.00 -7.26 25.22
N ASN A 251 -8.20 -6.59 24.10
CA ASN A 251 -7.71 -5.21 23.92
C ASN A 251 -8.30 -4.24 24.95
N LEU A 252 -9.57 -4.45 25.29
CA LEU A 252 -10.28 -3.56 26.21
C LEU A 252 -10.03 -3.90 27.67
N SER A 253 -9.55 -5.12 27.94
CA SER A 253 -9.48 -5.64 29.30
C SER A 253 -8.69 -4.77 30.27
N ASP A 254 -7.62 -4.11 29.81
CA ASP A 254 -6.77 -3.34 30.71
C ASP A 254 -7.33 -1.99 31.14
N ALA A 255 -8.49 -1.63 30.59
CA ALA A 255 -9.18 -0.39 30.94
C ALA A 255 -10.60 -0.67 31.46
N ALA A 256 -10.84 -1.90 31.92
CA ALA A 256 -12.18 -2.32 32.34
C ALA A 256 -12.21 -2.80 33.78
N THR A 257 -11.18 -2.45 34.57
CA THR A 257 -11.05 -2.94 35.95
C THR A 257 -11.89 -2.18 36.96
N LYS A 258 -12.56 -1.10 36.54
CA LYS A 258 -13.48 -0.37 37.42
C LYS A 258 -14.93 -0.66 37.05
N GLN A 259 -15.16 -1.71 36.28
CA GLN A 259 -16.46 -2.02 35.71
C GLN A 259 -17.19 -3.09 36.52
N GLU A 260 -18.53 -3.03 36.51
CA GLU A 260 -19.37 -3.93 37.31
C GLU A 260 -20.45 -4.63 36.47
N GLY A 261 -21.17 -5.56 37.07
CA GLY A 261 -22.08 -6.43 36.33
C GLY A 261 -21.34 -7.36 35.39
N MET A 262 -20.18 -7.84 35.83
CA MET A 262 -19.28 -8.63 35.00
C MET A 262 -19.35 -10.13 35.31
N GLU A 263 -20.29 -10.53 36.18
CA GLU A 263 -20.40 -11.91 36.65
C GLU A 263 -20.54 -12.91 35.52
N GLY A 264 -21.44 -12.63 34.58
CA GLY A 264 -21.68 -13.51 33.46
C GLY A 264 -20.47 -13.69 32.56
N LEU A 265 -19.77 -12.59 32.28
CA LEU A 265 -18.60 -12.61 31.41
C LEU A 265 -17.46 -13.45 32.01
N LEU A 266 -17.20 -13.26 33.29
CA LEU A 266 -16.11 -13.98 33.94
C LEU A 266 -16.41 -15.47 33.97
N GLY A 267 -17.67 -15.81 34.22
CA GLY A 267 -18.10 -17.19 34.29
C GLY A 267 -17.85 -17.91 32.97
N THR A 268 -18.17 -17.23 31.88
CA THR A 268 -18.01 -17.80 30.54
C THR A 268 -16.54 -17.91 30.14
N LEU A 269 -15.73 -16.92 30.52
CA LEU A 269 -14.29 -16.96 30.25
C LEU A 269 -13.62 -18.15 30.92
N VAL A 270 -14.06 -18.50 32.13
CA VAL A 270 -13.52 -19.64 32.86
C VAL A 270 -13.87 -20.96 32.16
N GLN A 271 -15.09 -21.07 31.64
CA GLN A 271 -15.49 -22.23 30.86
C GLN A 271 -14.73 -22.32 29.54
N LEU A 272 -14.34 -21.18 28.99
CA LEU A 272 -13.67 -21.13 27.70
C LEU A 272 -12.22 -21.54 27.84
N LEU A 273 -11.68 -21.50 29.06
CA LEU A 273 -10.33 -21.99 29.30
C LEU A 273 -10.18 -23.46 28.92
N GLY A 274 -11.28 -24.21 28.92
CA GLY A 274 -11.29 -25.61 28.49
C GLY A 274 -11.67 -25.87 27.02
N SER A 275 -11.55 -24.85 26.19
CA SER A 275 -11.76 -24.98 24.74
C SER A 275 -10.60 -25.78 24.17
N ASP A 276 -10.82 -26.44 23.03
CA ASP A 276 -9.73 -27.08 22.30
C ASP A 276 -9.14 -26.15 21.24
N ASP A 277 -9.68 -24.93 21.14
CA ASP A 277 -9.17 -23.92 20.24
C ASP A 277 -8.13 -23.05 20.97
N ILE A 278 -6.89 -23.07 20.48
CA ILE A 278 -5.76 -22.42 21.14
C ILE A 278 -5.85 -20.88 21.21
N ASN A 279 -6.48 -20.28 20.20
CA ASN A 279 -6.76 -18.84 20.23
C ASN A 279 -7.83 -18.46 21.24
N VAL A 280 -8.81 -19.36 21.45
CA VAL A 280 -9.84 -19.12 22.48
C VAL A 280 -9.21 -19.17 23.87
N VAL A 281 -8.44 -20.22 24.15
CA VAL A 281 -7.79 -20.36 25.46
C VAL A 281 -6.89 -19.16 25.73
N THR A 282 -6.13 -18.76 24.72
CA THR A 282 -5.21 -17.63 24.83
C THR A 282 -5.92 -16.34 25.22
N CYS A 283 -7.02 -16.01 24.56
CA CYS A 283 -7.72 -14.75 24.85
C CYS A 283 -8.41 -14.83 26.19
N ALA A 284 -8.99 -15.98 26.50
CA ALA A 284 -9.62 -16.17 27.80
C ALA A 284 -8.63 -15.96 28.95
N ALA A 285 -7.39 -16.44 28.79
CA ALA A 285 -6.38 -16.28 29.84
C ALA A 285 -5.94 -14.83 30.00
N GLY A 286 -5.68 -14.16 28.89
CA GLY A 286 -5.27 -12.76 28.90
C GLY A 286 -6.34 -11.81 29.44
N ILE A 287 -7.60 -12.08 29.12
CA ILE A 287 -8.71 -11.26 29.60
C ILE A 287 -8.86 -11.40 31.11
N LEU A 288 -8.83 -12.65 31.58
CA LEU A 288 -8.95 -12.96 33.00
C LEU A 288 -7.81 -12.40 33.82
N SER A 289 -6.62 -12.32 33.24
CA SER A 289 -5.46 -11.80 33.96
C SER A 289 -5.62 -10.31 34.22
N ASN A 290 -6.16 -9.58 33.24
CA ASN A 290 -6.36 -8.15 33.39
C ASN A 290 -7.57 -7.82 34.27
N LEU A 291 -8.65 -8.59 34.16
CA LEU A 291 -9.87 -8.32 34.94
C LEU A 291 -9.78 -8.73 36.41
N THR A 292 -8.80 -9.54 36.76
CA THR A 292 -8.54 -9.89 38.16
C THR A 292 -7.48 -8.97 38.78
N CYS A 293 -6.73 -8.27 37.95
CA CYS A 293 -5.70 -7.37 38.42
C CYS A 293 -6.24 -6.28 39.36
N ASN A 294 -5.88 -6.37 40.64
CA ASN A 294 -6.26 -5.40 41.67
C ASN A 294 -7.77 -5.18 41.75
N ASN A 295 -8.54 -6.23 41.49
CA ASN A 295 -10.00 -6.13 41.56
C ASN A 295 -10.55 -7.28 42.40
N TYR A 296 -10.66 -7.04 43.71
CA TYR A 296 -11.05 -8.10 44.64
C TYR A 296 -12.41 -8.72 44.29
N LYS A 297 -13.37 -7.91 43.83
CA LYS A 297 -14.70 -8.42 43.47
C LYS A 297 -14.63 -9.48 42.37
N ASN A 298 -13.91 -9.18 41.29
CA ASN A 298 -13.71 -10.12 40.18
C ASN A 298 -12.92 -11.37 40.57
N LYS A 299 -11.98 -11.22 41.50
CA LYS A 299 -11.21 -12.36 41.99
C LYS A 299 -12.11 -13.36 42.72
N MET A 300 -13.05 -12.85 43.52
CA MET A 300 -13.93 -13.69 44.31
C MET A 300 -14.84 -14.49 43.38
N MET A 301 -15.33 -13.83 42.34
CA MET A 301 -16.21 -14.46 41.36
C MET A 301 -15.49 -15.53 40.53
N VAL A 302 -14.21 -15.31 40.26
CA VAL A 302 -13.43 -16.21 39.41
C VAL A 302 -13.10 -17.46 40.18
N CYS A 303 -12.66 -17.31 41.43
CA CYS A 303 -12.44 -18.47 42.32
C CYS A 303 -13.72 -19.28 42.54
N GLN A 304 -14.85 -18.61 42.71
CA GLN A 304 -16.13 -19.26 43.02
C GLN A 304 -16.66 -20.18 41.90
N VAL A 305 -16.31 -19.90 40.65
CA VAL A 305 -16.73 -20.75 39.52
C VAL A 305 -15.63 -21.71 39.03
N GLY A 306 -14.71 -22.08 39.93
CA GLY A 306 -13.67 -23.06 39.63
C GLY A 306 -12.51 -22.55 38.77
N GLY A 307 -12.20 -21.26 38.92
CA GLY A 307 -11.21 -20.62 38.08
C GLY A 307 -9.80 -21.11 38.29
N ILE A 308 -9.47 -21.50 39.51
CA ILE A 308 -8.13 -22.00 39.83
C ILE A 308 -7.87 -23.31 39.12
N GLU A 309 -8.76 -24.27 39.27
CA GLU A 309 -8.65 -25.53 38.54
C GLU A 309 -8.51 -25.29 37.05
N ALA A 310 -9.38 -24.47 36.49
CA ALA A 310 -9.40 -24.18 35.05
C ALA A 310 -8.07 -23.57 34.59
N LEU A 311 -7.52 -22.68 35.40
CA LEU A 311 -6.26 -22.02 35.08
C LEU A 311 -5.07 -22.98 35.24
N VAL A 312 -5.08 -23.83 36.26
CA VAL A 312 -4.00 -24.81 36.42
C VAL A 312 -3.99 -25.79 35.25
N ARG A 313 -5.16 -26.30 34.86
CA ARG A 313 -5.32 -27.16 33.68
C ARG A 313 -4.82 -26.50 32.39
N THR A 314 -4.92 -25.19 32.30
CA THR A 314 -4.49 -24.48 31.09
C THR A 314 -2.97 -24.42 31.05
N VAL A 315 -2.34 -24.17 32.19
CA VAL A 315 -0.88 -24.17 32.30
C VAL A 315 -0.31 -25.56 31.96
N LEU A 316 -1.00 -26.64 32.34
CA LEU A 316 -0.52 -27.99 32.08
C LEU A 316 -0.60 -28.33 30.60
N ARG A 317 -1.69 -27.90 29.95
CA ARG A 317 -1.87 -28.14 28.52
C ARG A 317 -0.91 -27.30 27.68
N ALA A 318 -0.57 -26.10 28.17
CA ALA A 318 0.11 -25.10 27.35
C ALA A 318 1.56 -25.44 27.04
N GLY A 319 2.25 -26.10 27.98
CA GLY A 319 3.64 -26.47 27.78
C GLY A 319 4.56 -25.28 27.78
N ASP A 320 5.41 -25.18 26.77
CA ASP A 320 6.34 -24.04 26.65
C ASP A 320 5.77 -22.86 25.85
N ARG A 321 4.44 -22.83 25.69
CA ARG A 321 3.76 -21.70 25.04
C ARG A 321 3.60 -20.51 26.01
N GLU A 322 4.50 -19.55 25.94
CA GLU A 322 4.48 -18.41 26.87
C GLU A 322 3.32 -17.43 26.58
N ASP A 323 2.79 -17.43 25.37
CA ASP A 323 1.57 -16.67 25.06
C ASP A 323 0.38 -17.08 25.94
N ILE A 324 0.35 -18.35 26.34
CA ILE A 324 -0.72 -18.86 27.20
C ILE A 324 -0.30 -18.87 28.67
N THR A 325 0.91 -19.32 28.98
CA THR A 325 1.33 -19.42 30.38
C THR A 325 1.61 -18.06 31.07
N GLU A 326 2.23 -17.10 30.39
CA GLU A 326 2.40 -15.79 31.01
C GLU A 326 1.09 -15.20 31.58
N PRO A 327 0.02 -15.07 30.79
CA PRO A 327 -1.26 -14.56 31.32
C PRO A 327 -1.95 -15.50 32.32
N ALA A 328 -1.86 -16.82 32.12
CA ALA A 328 -2.50 -17.77 33.04
C ALA A 328 -1.84 -17.74 34.41
N ILE A 329 -0.52 -17.71 34.43
CA ILE A 329 0.24 -17.58 35.67
C ILE A 329 -0.05 -16.24 36.35
N CYS A 330 -0.16 -15.18 35.56
CA CYS A 330 -0.47 -13.84 36.10
C CYS A 330 -1.84 -13.80 36.75
N ALA A 331 -2.81 -14.52 36.17
CA ALA A 331 -4.17 -14.60 36.73
C ALA A 331 -4.15 -15.39 38.03
N LEU A 332 -3.39 -16.48 38.07
CA LEU A 332 -3.22 -17.28 39.29
C LEU A 332 -2.53 -16.49 40.39
N ARG A 333 -1.54 -15.69 40.01
CA ARG A 333 -0.85 -14.79 40.94
C ARG A 333 -1.89 -13.87 41.59
N HIS A 334 -2.79 -13.35 40.76
CA HIS A 334 -3.80 -12.40 41.20
C HIS A 334 -4.81 -13.03 42.15
N LEU A 335 -5.25 -14.24 41.81
CA LEU A 335 -6.26 -14.96 42.59
C LEU A 335 -5.75 -15.51 43.93
N THR A 336 -4.43 -15.50 44.13
CA THR A 336 -3.82 -16.02 45.34
C THR A 336 -3.32 -14.93 46.30
N SER A 337 -3.87 -13.72 46.18
CA SER A 337 -3.51 -12.64 47.10
C SER A 337 -4.61 -11.58 47.27
N ARG A 338 -4.76 -11.12 48.52
CA ARG A 338 -5.55 -9.93 48.86
C ARG A 338 -7.05 -10.02 48.56
N HIS A 339 -7.68 -11.12 48.95
CA HIS A 339 -9.14 -11.18 49.05
C HIS A 339 -9.57 -12.30 49.99
N GLN A 340 -10.85 -12.34 50.31
CA GLN A 340 -11.39 -13.31 51.28
C GLN A 340 -10.92 -14.73 50.99
N GLU A 341 -10.95 -15.15 49.73
CA GLU A 341 -10.70 -16.54 49.37
C GLU A 341 -9.27 -16.84 48.87
N ALA A 342 -8.31 -15.97 49.20
CA ALA A 342 -6.93 -16.13 48.73
C ALA A 342 -6.23 -17.32 49.36
N GLU A 343 -6.55 -17.62 50.62
CA GLU A 343 -6.04 -18.82 51.29
C GLU A 343 -6.58 -20.07 50.60
N MET A 344 -7.86 -20.09 50.26
CA MET A 344 -8.45 -21.24 49.59
C MET A 344 -7.80 -21.46 48.21
N ALA A 345 -7.49 -20.37 47.53
CA ALA A 345 -6.90 -20.40 46.19
C ALA A 345 -5.47 -20.96 46.22
N GLN A 346 -4.69 -20.55 47.21
CA GLN A 346 -3.33 -21.04 47.43
C GLN A 346 -3.29 -22.55 47.67
N ASN A 347 -4.29 -23.05 48.41
CA ASN A 347 -4.44 -24.47 48.61
C ASN A 347 -4.91 -25.14 47.32
N ALA A 348 -5.75 -24.45 46.55
CA ALA A 348 -6.35 -25.02 45.36
C ALA A 348 -5.34 -25.25 44.23
N VAL A 349 -4.33 -24.39 44.12
CA VAL A 349 -3.26 -24.61 43.14
C VAL A 349 -2.55 -25.94 43.42
N ARG A 350 -2.34 -26.27 44.69
CA ARG A 350 -1.77 -27.57 45.05
C ARG A 350 -2.69 -28.74 44.73
N LEU A 351 -3.94 -28.66 45.15
CA LEU A 351 -4.86 -29.80 45.10
C LEU A 351 -5.20 -30.20 43.66
N HIS A 352 -5.10 -29.25 42.72
CA HIS A 352 -5.35 -29.50 41.30
C HIS A 352 -4.07 -29.72 40.45
N TYR A 353 -2.97 -30.12 41.10
CA TYR A 353 -1.76 -30.60 40.43
C TYR A 353 -0.89 -29.48 39.85
N GLY A 354 -0.92 -28.33 40.50
CA GLY A 354 -0.27 -27.14 39.97
C GLY A 354 1.14 -26.87 40.43
N LEU A 355 1.59 -27.48 41.52
CA LEU A 355 2.88 -27.11 42.10
C LEU A 355 4.08 -27.57 41.27
N PRO A 356 4.14 -28.85 40.89
CA PRO A 356 5.23 -29.30 40.03
C PRO A 356 5.34 -28.50 38.75
N VAL A 357 4.22 -28.27 38.06
CA VAL A 357 4.26 -27.56 36.78
C VAL A 357 4.70 -26.09 36.89
N VAL A 358 4.36 -25.43 38.00
CA VAL A 358 4.70 -24.02 38.24
C VAL A 358 6.19 -23.87 38.53
N VAL A 359 6.76 -24.76 39.33
CA VAL A 359 8.20 -24.71 39.65
C VAL A 359 9.01 -25.00 38.38
N LYS A 360 8.51 -25.89 37.53
CA LYS A 360 9.18 -26.20 36.25
C LYS A 360 9.26 -24.96 35.33
N LEU A 361 8.27 -24.08 35.41
CA LEU A 361 8.21 -22.88 34.58
C LEU A 361 9.29 -21.85 34.95
N LEU A 362 9.83 -21.96 36.16
CA LEU A 362 11.00 -21.19 36.57
C LEU A 362 12.26 -21.53 35.73
N HIS A 363 12.31 -22.75 35.20
CA HIS A 363 13.49 -23.27 34.48
C HIS A 363 13.42 -22.93 32.99
N PRO A 364 14.52 -23.07 32.25
CA PRO A 364 14.51 -22.79 30.81
C PRO A 364 13.61 -23.77 30.05
N PRO A 365 13.10 -23.40 28.88
CA PRO A 365 13.47 -22.18 28.16
C PRO A 365 12.59 -20.97 28.44
N SER A 366 11.96 -20.92 29.61
CA SER A 366 11.20 -19.75 30.03
C SER A 366 11.99 -18.44 29.89
N HIS A 367 11.30 -17.38 29.48
CA HIS A 367 11.89 -16.04 29.32
C HIS A 367 11.50 -15.18 30.51
N TRP A 368 12.09 -13.98 30.62
CA TRP A 368 11.99 -13.16 31.84
C TRP A 368 10.61 -12.67 32.23
N PRO A 369 9.73 -12.36 31.29
CA PRO A 369 8.34 -12.03 31.65
C PRO A 369 7.61 -13.16 32.38
N LEU A 370 7.74 -14.38 31.89
CA LEU A 370 7.10 -15.54 32.50
C LEU A 370 7.77 -15.94 33.82
N ILE A 371 9.09 -15.75 33.89
CA ILE A 371 9.84 -16.03 35.11
C ILE A 371 9.47 -15.03 36.20
N LYS A 372 9.29 -13.78 35.83
CA LYS A 372 8.96 -12.73 36.79
C LYS A 372 7.61 -13.04 37.43
N ALA A 373 6.67 -13.51 36.62
CA ALA A 373 5.30 -13.76 37.07
C ALA A 373 5.18 -15.07 37.86
N THR A 374 5.98 -16.06 37.47
CA THR A 374 5.99 -17.35 38.15
C THR A 374 6.60 -17.23 39.53
N VAL A 375 7.70 -16.48 39.63
CA VAL A 375 8.31 -16.13 40.92
C VAL A 375 7.25 -15.50 41.82
N GLY A 376 6.48 -14.57 41.27
CA GLY A 376 5.38 -13.93 41.97
C GLY A 376 4.29 -14.89 42.44
N LEU A 377 3.90 -15.84 41.59
CA LEU A 377 2.90 -16.83 41.98
C LEU A 377 3.41 -17.70 43.12
N ILE A 378 4.67 -18.13 43.04
CA ILE A 378 5.28 -18.97 44.10
C ILE A 378 5.35 -18.21 45.42
N ARG A 379 5.61 -16.92 45.34
CA ARG A 379 5.69 -16.06 46.51
C ARG A 379 4.35 -16.09 47.25
N ASN A 380 3.25 -15.97 46.50
CA ASN A 380 1.90 -16.03 47.06
C ASN A 380 1.59 -17.41 47.62
N LEU A 381 1.94 -18.45 46.87
CA LEU A 381 1.67 -19.82 47.29
C LEU A 381 2.39 -20.17 48.59
N ALA A 382 3.51 -19.51 48.83
CA ALA A 382 4.34 -19.75 50.00
C ALA A 382 3.73 -19.18 51.30
N LEU A 383 2.73 -18.32 51.16
CA LEU A 383 1.96 -17.82 52.31
C LEU A 383 1.12 -18.89 53.00
N CYS A 384 0.94 -20.03 52.32
CA CYS A 384 0.16 -21.15 52.84
C CYS A 384 1.16 -22.23 53.26
N PRO A 385 1.18 -22.59 54.54
CA PRO A 385 2.11 -23.60 55.07
C PRO A 385 2.12 -24.95 54.35
N ALA A 386 0.98 -25.41 53.84
CA ALA A 386 0.90 -26.72 53.18
C ALA A 386 1.68 -26.79 51.85
N ASN A 387 2.03 -25.63 51.31
CA ASN A 387 2.84 -25.54 50.10
C ASN A 387 4.35 -25.46 50.38
N HIS A 388 4.73 -25.11 51.60
CA HIS A 388 6.15 -25.05 51.96
C HIS A 388 6.90 -26.34 51.61
N ALA A 389 6.42 -27.47 52.09
CA ALA A 389 7.09 -28.74 51.87
C ALA A 389 7.16 -29.17 50.38
N PRO A 390 6.02 -29.32 49.70
CA PRO A 390 6.05 -29.66 48.25
C PRO A 390 6.91 -28.72 47.38
N LEU A 391 6.87 -27.43 47.64
CA LEU A 391 7.68 -26.46 46.88
C LEU A 391 9.18 -26.72 47.07
N ARG A 392 9.58 -27.08 48.29
CA ARG A 392 10.96 -27.49 48.53
C ARG A 392 11.32 -28.72 47.68
N GLU A 393 10.41 -29.69 47.65
CA GLU A 393 10.61 -30.97 46.97
C GLU A 393 10.76 -30.81 45.45
N GLN A 394 10.08 -29.83 44.88
CA GLN A 394 10.11 -29.60 43.43
C GLN A 394 11.34 -28.81 42.98
N GLY A 395 12.12 -28.29 43.93
CA GLY A 395 13.37 -27.60 43.62
C GLY A 395 13.25 -26.10 43.44
N ALA A 396 12.20 -25.50 43.98
CA ALA A 396 12.00 -24.05 43.93
C ALA A 396 13.15 -23.25 44.55
N ILE A 397 13.67 -23.71 45.68
CA ILE A 397 14.64 -22.90 46.41
C ILE A 397 15.98 -22.74 45.68
N PRO A 398 16.64 -23.80 45.25
CA PRO A 398 17.91 -23.64 44.51
C PRO A 398 17.73 -22.79 43.24
N ARG A 399 16.58 -22.88 42.58
CA ARG A 399 16.36 -22.17 41.32
C ARG A 399 16.07 -20.68 41.54
N LEU A 400 15.30 -20.34 42.57
CA LEU A 400 15.08 -18.95 42.98
C LEU A 400 16.40 -18.28 43.33
N VAL A 401 17.23 -18.99 44.10
CA VAL A 401 18.53 -18.50 44.52
C VAL A 401 19.45 -18.28 43.32
N GLN A 402 19.37 -19.17 42.34
CA GLN A 402 20.20 -19.13 41.14
C GLN A 402 19.82 -17.94 40.24
N LEU A 403 18.53 -17.61 40.20
CA LEU A 403 18.03 -16.46 39.44
C LEU A 403 18.37 -15.14 40.14
N LEU A 404 18.49 -15.20 41.46
CA LEU A 404 18.80 -14.04 42.29
C LEU A 404 20.25 -13.63 42.08
N VAL A 405 21.13 -14.64 42.05
CA VAL A 405 22.55 -14.44 41.78
C VAL A 405 22.71 -13.86 40.37
N ARG A 406 21.95 -14.38 39.40
CA ARG A 406 22.06 -13.96 38.02
C ARG A 406 21.61 -12.50 37.83
N ALA A 407 20.53 -12.13 38.50
CA ALA A 407 19.93 -10.81 38.34
C ALA A 407 20.70 -9.74 39.12
N HIS A 408 21.35 -10.16 40.19
CA HIS A 408 22.12 -9.26 41.03
C HIS A 408 23.45 -8.93 40.36
N GLN A 409 24.08 -9.95 39.77
CA GLN A 409 25.34 -9.80 39.05
C GLN A 409 25.18 -8.88 37.84
N ASP A 410 24.01 -8.94 37.22
CA ASP A 410 23.66 -8.05 36.11
C ASP A 410 23.55 -6.60 36.57
N THR A 411 22.97 -6.38 37.75
CA THR A 411 22.76 -5.03 38.30
C THR A 411 24.06 -4.29 38.64
N GLN A 412 25.20 -5.00 38.71
CA GLN A 412 26.52 -4.37 38.83
C GLN A 412 27.18 -4.29 37.45
N ARG A 413 27.51 -5.45 36.90
CA ARG A 413 28.12 -5.58 35.58
C ARG A 413 27.07 -5.54 34.48
N PHE A 424 16.58 -2.91 31.27
CA PHE A 424 15.62 -3.77 30.56
C PHE A 424 16.30 -4.88 29.74
N VAL A 425 16.22 -6.11 30.26
CA VAL A 425 16.61 -7.31 29.51
C VAL A 425 15.34 -8.12 29.26
N GLU A 426 14.95 -8.25 27.99
CA GLU A 426 13.76 -9.02 27.62
C GLU A 426 12.46 -8.37 28.11
N GLY A 427 12.46 -7.04 28.22
CA GLY A 427 11.30 -6.29 28.68
C GLY A 427 11.23 -6.06 30.19
N VAL A 428 12.04 -6.80 30.96
CA VAL A 428 11.94 -6.81 32.42
C VAL A 428 13.17 -6.19 33.07
N ARG A 429 12.94 -5.34 34.08
CA ARG A 429 14.04 -4.76 34.85
C ARG A 429 14.59 -5.82 35.80
N MET A 430 15.91 -5.91 35.89
CA MET A 430 16.58 -6.96 36.65
C MET A 430 16.42 -6.78 38.17
N GLU A 431 16.07 -5.57 38.58
CA GLU A 431 15.86 -5.24 39.99
C GLU A 431 14.55 -5.86 40.50
N GLU A 432 13.56 -5.99 39.63
CA GLU A 432 12.30 -6.66 39.96
C GLU A 432 12.48 -8.16 40.21
N ILE A 433 13.47 -8.76 39.55
CA ILE A 433 13.78 -10.18 39.74
C ILE A 433 14.51 -10.38 41.06
N VAL A 434 15.33 -9.41 41.46
CA VAL A 434 16.05 -9.44 42.74
C VAL A 434 15.06 -9.28 43.88
N GLU A 435 14.13 -8.34 43.72
CA GLU A 435 13.07 -8.10 44.68
C GLU A 435 12.11 -9.29 44.75
N GLY A 436 11.79 -9.88 43.60
CA GLY A 436 10.82 -10.96 43.53
C GLY A 436 11.31 -12.25 44.17
N CYS A 437 12.51 -12.66 43.78
CA CYS A 437 13.10 -13.92 44.22
C CYS A 437 13.46 -13.89 45.70
N THR A 438 14.04 -12.77 46.13
CA THR A 438 14.36 -12.60 47.55
C THR A 438 13.07 -12.52 48.35
N GLY A 439 12.06 -11.88 47.79
CA GLY A 439 10.75 -11.81 48.41
C GLY A 439 10.14 -13.19 48.62
N ALA A 440 10.29 -14.07 47.64
CA ALA A 440 9.75 -15.42 47.73
C ALA A 440 10.55 -16.24 48.75
N LEU A 441 11.85 -16.00 48.80
CA LEU A 441 12.71 -16.68 49.77
C LEU A 441 12.42 -16.19 51.19
N HIS A 442 12.03 -14.92 51.31
CA HIS A 442 11.62 -14.30 52.57
C HIS A 442 10.46 -15.07 53.20
N ILE A 443 9.52 -15.48 52.37
CA ILE A 443 8.32 -16.16 52.86
C ILE A 443 8.50 -17.67 53.00
N LEU A 444 9.31 -18.28 52.13
CA LEU A 444 9.64 -19.71 52.25
C LEU A 444 10.46 -19.98 53.52
N ALA A 445 11.23 -18.98 53.94
CA ALA A 445 12.08 -19.11 55.13
C ALA A 445 11.31 -19.21 56.43
N ARG A 446 9.97 -19.17 56.37
CA ARG A 446 9.13 -19.42 57.53
C ARG A 446 9.16 -20.89 57.96
N ASP A 447 9.62 -21.78 57.08
CA ASP A 447 9.75 -23.20 57.39
C ASP A 447 11.18 -23.47 57.84
N VAL A 448 11.33 -24.19 58.94
CA VAL A 448 12.64 -24.56 59.46
C VAL A 448 13.44 -25.39 58.45
N HIS A 449 12.78 -26.31 57.76
CA HIS A 449 13.47 -27.15 56.78
C HIS A 449 13.98 -26.31 55.60
N ASN A 450 13.18 -25.31 55.19
CA ASN A 450 13.59 -24.39 54.11
C ASN A 450 14.78 -23.52 54.54
N ARG A 451 14.88 -23.20 55.82
CA ARG A 451 15.99 -22.38 56.33
C ARG A 451 17.33 -23.11 56.21
N ILE A 452 17.31 -24.43 56.35
CA ILE A 452 18.52 -25.24 56.17
C ILE A 452 18.97 -25.30 54.70
N VAL A 453 18.01 -25.32 53.78
CA VAL A 453 18.34 -25.33 52.35
C VAL A 453 18.90 -23.96 51.95
N ILE A 454 18.12 -22.91 52.19
CA ILE A 454 18.52 -21.53 51.89
C ILE A 454 19.90 -21.19 52.42
N ARG A 455 20.18 -21.55 53.68
CA ARG A 455 21.46 -21.22 54.31
C ARG A 455 22.60 -22.06 53.75
N GLY A 456 22.32 -23.32 53.45
CA GLY A 456 23.30 -24.26 52.92
C GLY A 456 23.70 -23.98 51.50
N LEU A 457 23.05 -23.01 50.85
CA LEU A 457 23.36 -22.58 49.48
C LEU A 457 24.23 -21.33 49.46
N ASN A 458 24.79 -20.97 50.62
CA ASN A 458 25.60 -19.77 50.76
C ASN A 458 24.90 -18.52 50.24
N THR A 459 23.76 -18.22 50.84
CA THR A 459 22.97 -17.04 50.49
C THR A 459 23.17 -15.87 51.46
N ILE A 460 23.61 -16.14 52.69
CA ILE A 460 23.73 -15.08 53.70
C ILE A 460 24.67 -13.93 53.30
N PRO A 461 25.84 -14.23 52.73
CA PRO A 461 26.70 -13.19 52.15
C PRO A 461 25.98 -12.23 51.18
N LEU A 462 25.19 -12.77 50.26
CA LEU A 462 24.47 -11.96 49.26
C LEU A 462 23.31 -11.16 49.86
N PHE A 463 22.62 -11.73 50.85
CA PHE A 463 21.52 -11.04 51.51
C PHE A 463 22.02 -9.81 52.27
N VAL A 464 23.21 -9.93 52.85
CA VAL A 464 23.81 -8.82 53.60
C VAL A 464 24.27 -7.73 52.64
N GLN A 465 24.76 -8.13 51.48
CA GLN A 465 25.21 -7.19 50.45
C GLN A 465 24.02 -6.44 49.82
N LEU A 466 22.82 -7.00 49.96
CA LEU A 466 21.61 -6.38 49.43
C LEU A 466 21.05 -5.30 50.35
N LEU A 467 21.53 -5.25 51.58
CA LEU A 467 21.16 -4.20 52.51
C LEU A 467 21.73 -2.85 52.08
N TYR A 468 22.76 -2.89 51.24
CA TYR A 468 23.35 -1.69 50.68
C TYR A 468 22.66 -1.23 49.40
N SER A 469 21.57 -1.89 49.02
CA SER A 469 20.85 -1.56 47.79
C SER A 469 20.13 -0.23 47.98
N PRO A 470 20.24 0.67 46.99
CA PRO A 470 19.52 1.96 47.05
C PRO A 470 17.99 1.82 47.00
N ILE A 471 17.48 0.91 46.16
CA ILE A 471 16.03 0.69 46.06
C ILE A 471 15.50 0.20 47.41
N GLU A 472 14.51 0.91 47.95
CA GLU A 472 13.98 0.63 49.28
C GLU A 472 13.29 -0.73 49.37
N ASN A 473 12.51 -1.08 48.35
CA ASN A 473 11.81 -2.36 48.36
C ASN A 473 12.72 -3.59 48.47
N ILE A 474 13.95 -3.46 47.97
CA ILE A 474 14.93 -4.54 48.10
C ILE A 474 15.55 -4.60 49.50
N GLN A 475 15.77 -3.45 50.12
CA GLN A 475 16.25 -3.40 51.51
C GLN A 475 15.29 -4.14 52.43
N ARG A 476 14.01 -3.85 52.26
CA ARG A 476 12.94 -4.40 53.09
C ARG A 476 12.88 -5.92 53.01
N VAL A 477 13.06 -6.41 51.80
CA VAL A 477 12.89 -7.84 51.53
C VAL A 477 14.14 -8.63 51.94
N ALA A 478 15.31 -8.03 51.70
CA ALA A 478 16.58 -8.62 52.14
C ALA A 478 16.68 -8.64 53.67
N ALA A 479 16.28 -7.56 54.31
CA ALA A 479 16.24 -7.49 55.77
C ALA A 479 15.23 -8.48 56.34
N GLY A 480 14.16 -8.72 55.59
CA GLY A 480 13.10 -9.60 56.02
C GLY A 480 13.49 -11.06 56.04
N VAL A 481 14.17 -11.53 54.99
CA VAL A 481 14.65 -12.91 54.93
C VAL A 481 15.79 -13.13 55.94
N LEU A 482 16.65 -12.11 56.10
CA LEU A 482 17.71 -12.16 57.12
C LEU A 482 17.09 -12.27 58.52
N CYS A 483 15.96 -11.60 58.70
CA CYS A 483 15.22 -11.61 59.97
C CYS A 483 14.67 -12.98 60.31
N GLU A 484 14.17 -13.68 59.30
CA GLU A 484 13.60 -15.01 59.48
C GLU A 484 14.70 -16.05 59.75
N LEU A 485 15.86 -15.87 59.11
CA LEU A 485 16.97 -16.81 59.22
C LEU A 485 17.64 -16.73 60.58
N ALA A 486 17.57 -15.54 61.19
CA ALA A 486 18.24 -15.26 62.45
C ALA A 486 17.57 -15.93 63.65
N GLN A 487 16.32 -16.36 63.52
CA GLN A 487 15.63 -16.99 64.65
C GLN A 487 16.34 -18.26 65.13
N ASP A 488 17.14 -18.87 64.26
CA ASP A 488 18.01 -20.00 64.63
C ASP A 488 19.41 -19.47 64.95
N LYS A 489 20.06 -20.05 65.96
CA LYS A 489 21.27 -19.48 66.56
C LYS A 489 22.51 -19.51 65.67
N GLU A 490 22.79 -20.65 65.05
CA GLU A 490 23.99 -20.78 64.21
C GLU A 490 23.96 -19.84 63.00
N ALA A 491 22.76 -19.54 62.51
CA ALA A 491 22.57 -18.63 61.39
C ALA A 491 22.76 -17.17 61.81
N ALA A 492 22.31 -16.84 63.02
CA ALA A 492 22.49 -15.50 63.59
C ALA A 492 23.96 -15.09 63.74
N GLU A 493 24.82 -16.07 63.99
CA GLU A 493 26.27 -15.83 64.13
C GLU A 493 26.96 -15.60 62.77
N ALA A 494 26.51 -16.31 61.74
CA ALA A 494 27.05 -16.13 60.38
C ALA A 494 26.67 -14.77 59.79
N ILE A 495 25.53 -14.23 60.22
CA ILE A 495 25.06 -12.92 59.80
C ILE A 495 25.91 -11.82 60.45
N GLU A 496 26.21 -12.02 61.73
CA GLU A 496 27.11 -11.10 62.45
C GLU A 496 28.51 -11.13 61.84
N ALA A 497 28.98 -12.33 61.50
CA ALA A 497 30.33 -12.53 60.96
C ALA A 497 30.47 -11.95 59.56
N GLU A 498 29.35 -11.76 58.87
CA GLU A 498 29.37 -11.19 57.51
C GLU A 498 29.37 -9.66 57.54
N GLY A 499 29.35 -9.09 58.74
CA GLY A 499 29.41 -7.64 58.91
C GLY A 499 28.07 -7.00 58.64
N ALA A 500 27.00 -7.62 59.15
CA ALA A 500 25.64 -7.16 58.89
C ALA A 500 25.19 -6.09 59.87
N THR A 501 25.91 -5.95 60.98
CA THR A 501 25.50 -5.04 62.06
C THR A 501 25.50 -3.57 61.62
N ALA A 502 26.54 -3.17 60.89
CA ALA A 502 26.68 -1.79 60.43
C ALA A 502 25.54 -1.31 59.50
N PRO A 503 25.31 -1.98 58.36
CA PRO A 503 24.25 -1.56 57.44
C PRO A 503 22.84 -1.65 58.04
N LEU A 504 22.61 -2.58 58.96
CA LEU A 504 21.32 -2.71 59.64
C LEU A 504 21.07 -1.55 60.60
N THR A 505 22.14 -1.03 61.20
CA THR A 505 22.07 0.12 62.10
C THR A 505 21.71 1.40 61.33
N GLU A 506 22.27 1.55 60.12
CA GLU A 506 21.97 2.68 59.26
C GLU A 506 20.57 2.58 58.65
N LEU A 507 20.02 1.37 58.62
CA LEU A 507 18.67 1.12 58.12
C LEU A 507 17.61 1.32 59.19
N LEU A 508 18.01 1.46 60.45
CA LEU A 508 17.08 1.81 61.54
C LEU A 508 16.48 3.20 61.34
N HIS A 509 17.27 4.12 60.78
CA HIS A 509 16.83 5.48 60.51
C HIS A 509 16.31 5.62 59.08
N SER A 510 15.36 4.77 58.71
CA SER A 510 14.78 4.76 57.37
C SER A 510 13.36 5.33 57.37
N ARG A 511 13.00 6.01 56.29
CA ARG A 511 11.63 6.52 56.09
C ARG A 511 10.63 5.37 55.84
N ASN A 512 11.12 4.25 55.30
CA ASN A 512 10.31 3.04 55.16
C ASN A 512 10.11 2.36 56.51
N GLU A 513 8.84 2.06 56.84
CA GLU A 513 8.50 1.53 58.16
C GLU A 513 8.88 0.06 58.31
N GLY A 514 8.67 -0.72 57.25
CA GLY A 514 9.05 -2.13 57.24
C GLY A 514 10.54 -2.38 57.28
N VAL A 515 11.32 -1.55 56.59
CA VAL A 515 12.77 -1.69 56.54
C VAL A 515 13.38 -1.51 57.92
N ALA A 516 12.90 -0.49 58.63
CA ALA A 516 13.36 -0.21 59.99
C ALA A 516 12.90 -1.27 60.99
N THR A 517 11.73 -1.88 60.75
CA THR A 517 11.17 -2.88 61.66
C THR A 517 11.98 -4.16 61.63
N TYR A 518 12.20 -4.69 60.43
CA TYR A 518 12.96 -5.92 60.25
C TYR A 518 14.41 -5.72 60.69
N ALA A 519 14.94 -4.53 60.43
CA ALA A 519 16.31 -4.19 60.82
C ALA A 519 16.53 -4.26 62.32
N ALA A 520 15.51 -3.84 63.09
CA ALA A 520 15.57 -3.93 64.54
C ALA A 520 15.47 -5.38 65.02
N ALA A 521 14.63 -6.15 64.34
CA ALA A 521 14.38 -7.54 64.70
C ALA A 521 15.59 -8.45 64.46
N VAL A 522 16.42 -8.09 63.48
CA VAL A 522 17.64 -8.84 63.20
C VAL A 522 18.64 -8.58 64.31
N LEU A 523 18.80 -7.29 64.64
CA LEU A 523 19.73 -6.85 65.67
C LEU A 523 19.44 -7.45 67.05
N PHE A 524 18.16 -7.63 67.36
CA PHE A 524 17.78 -8.20 68.65
C PHE A 524 18.13 -9.68 68.73
N ARG A 525 17.87 -10.42 67.66
CA ARG A 525 18.13 -11.86 67.62
C ARG A 525 19.61 -12.23 67.47
N MET A 526 20.48 -11.22 67.36
CA MET A 526 21.92 -11.41 67.45
C MET A 526 22.42 -11.05 68.86
N SER A 527 21.79 -11.67 69.88
CA SER A 527 22.18 -11.50 71.28
C SER A 527 21.38 -12.44 72.18
N LEU B 12 1.79 -10.23 52.71
CA LEU B 12 1.05 -9.41 51.69
C LEU B 12 0.90 -10.14 50.35
N GLY B 13 2.03 -10.39 49.68
CA GLY B 13 2.06 -11.05 48.38
C GLY B 13 2.68 -10.21 47.29
N ALA B 14 2.74 -10.75 46.08
CA ALA B 14 3.33 -10.04 44.92
C ALA B 14 2.40 -8.96 44.37
N ASN B 15 2.98 -8.00 43.67
CA ASN B 15 2.22 -6.93 43.01
C ASN B 15 1.45 -7.44 41.78
N ASP B 16 0.17 -7.09 41.71
CA ASP B 16 -0.65 -7.34 40.52
C ASP B 16 -0.24 -6.39 39.40
N GLU B 17 -0.41 -6.85 38.17
CA GLU B 17 0.09 -6.13 37.00
C GLU B 17 -0.81 -6.36 35.79
N LEU B 18 -0.99 -5.31 34.99
CA LEU B 18 -1.74 -5.39 33.74
C LEU B 18 -0.80 -5.78 32.62
N ILE B 19 -1.30 -6.56 31.67
CA ILE B 19 -0.61 -6.84 30.42
C ILE B 19 -1.32 -6.05 29.33
N SER B 20 -0.56 -5.32 28.52
CA SER B 20 -1.15 -4.43 27.53
C SER B 20 -1.27 -5.11 26.17
N PHE B 21 -2.48 -5.57 25.86
CA PHE B 21 -2.76 -6.14 24.57
C PHE B 21 -3.23 -5.03 23.65
N LYS B 22 -2.64 -4.95 22.45
CA LYS B 22 -2.97 -3.92 21.48
C LYS B 22 -2.96 -4.48 20.04
N ASP B 23 -3.65 -5.60 19.85
CA ASP B 23 -3.66 -6.33 18.57
C ASP B 23 -4.86 -5.99 17.68
N GLU B 24 -4.58 -5.41 16.52
CA GLU B 24 -5.62 -4.98 15.59
C GLU B 24 -6.10 -6.13 14.70
N GLY B 25 -5.38 -7.25 14.73
CA GLY B 25 -5.69 -8.39 13.89
C GLY B 25 -5.26 -8.12 12.46
N GLU B 26 -5.83 -8.85 11.52
CA GLU B 26 -5.62 -8.59 10.10
C GLU B 26 -6.93 -8.21 9.42
N GLN B 27 -6.79 -7.61 8.24
CA GLN B 27 -7.93 -7.34 7.37
C GLN B 27 -8.06 -8.50 6.37
N GLU B 28 -9.30 -8.85 6.02
CA GLU B 28 -9.55 -9.89 5.02
C GLU B 28 -10.99 -9.82 4.46
N GLU B 38 -17.20 -11.20 3.54
CA GLU B 38 -16.67 -10.75 2.20
C GLU B 38 -17.46 -11.42 1.07
N ARG B 39 -17.38 -12.76 1.00
CA ARG B 39 -18.36 -13.55 0.23
C ARG B 39 -19.74 -13.95 0.81
N ASP B 40 -19.83 -13.93 2.14
CA ASP B 40 -21.12 -14.03 2.80
C ASP B 40 -21.90 -12.75 2.51
N LEU B 41 -21.17 -11.63 2.39
CA LEU B 41 -21.77 -10.32 2.13
C LEU B 41 -22.28 -10.12 0.71
N ALA B 42 -21.65 -10.75 -0.28
CA ALA B 42 -22.15 -10.66 -1.64
C ALA B 42 -23.62 -11.04 -1.75
N ASP B 43 -24.05 -12.01 -0.94
CA ASP B 43 -25.44 -12.46 -0.91
C ASP B 43 -26.33 -11.43 -0.22
N VAL B 44 -25.82 -10.87 0.88
CA VAL B 44 -26.49 -9.80 1.61
C VAL B 44 -26.74 -8.57 0.74
N LYS B 45 -25.70 -8.12 0.03
CA LYS B 45 -25.78 -6.96 -0.84
C LYS B 45 -26.84 -7.11 -1.94
N SER B 46 -26.86 -8.24 -2.64
CA SER B 46 -27.79 -8.42 -3.76
C SER B 46 -29.22 -8.67 -3.29
N SER B 47 -29.35 -9.24 -2.10
CA SER B 47 -30.65 -9.47 -1.48
C SER B 47 -31.28 -8.16 -1.03
N LEU B 48 -30.43 -7.25 -0.54
CA LEU B 48 -30.87 -5.94 -0.05
C LEU B 48 -31.42 -5.07 -1.18
N VAL B 49 -30.90 -5.23 -2.40
CA VAL B 49 -31.30 -4.38 -3.53
C VAL B 49 -32.30 -5.01 -4.52
N ASN B 50 -32.94 -6.14 -4.20
CA ASN B 50 -33.89 -6.76 -5.13
C ASN B 50 -35.25 -7.11 -4.51
N SER C 6 -42.62 27.29 -21.84
CA SER C 6 -42.51 28.18 -23.04
C SER C 6 -42.63 27.38 -24.35
N GLN C 7 -42.79 28.11 -25.45
CA GLN C 7 -43.11 27.51 -26.76
C GLN C 7 -41.89 26.86 -27.43
N GLU C 8 -40.76 27.57 -27.45
CA GLU C 8 -39.52 27.06 -28.04
C GLU C 8 -39.06 25.79 -27.33
N GLN C 9 -39.12 25.81 -26.00
CA GLN C 9 -38.72 24.66 -25.16
C GLN C 9 -39.67 23.48 -25.27
N LEU C 10 -40.92 23.72 -25.66
CA LEU C 10 -41.90 22.65 -25.86
C LEU C 10 -41.57 21.80 -27.09
N GLU C 11 -41.07 22.45 -28.15
CA GLU C 11 -40.61 21.75 -29.34
C GLU C 11 -39.38 20.90 -29.03
N HIS C 12 -38.49 21.47 -28.23
CA HIS C 12 -37.28 20.76 -27.81
C HIS C 12 -37.63 19.44 -27.09
N ARG C 13 -38.69 19.45 -26.28
CA ARG C 13 -39.13 18.26 -25.54
C ARG C 13 -39.71 17.19 -26.46
N GLU C 14 -40.63 17.58 -27.34
CA GLU C 14 -41.31 16.62 -28.22
C GLU C 14 -40.33 15.89 -29.14
N ARG C 15 -39.33 16.61 -29.64
CA ARG C 15 -38.30 16.04 -30.50
C ARG C 15 -37.38 15.11 -29.69
N SER C 16 -37.00 15.57 -28.49
CA SER C 16 -36.08 14.83 -27.62
C SER C 16 -36.70 13.53 -27.13
N LEU C 17 -37.98 13.56 -26.79
CA LEU C 17 -38.71 12.36 -26.35
C LEU C 17 -38.94 11.39 -27.51
N GLN C 18 -39.03 11.94 -28.73
CA GLN C 18 -39.15 11.14 -29.95
C GLN C 18 -37.82 10.44 -30.25
N THR C 19 -36.71 11.15 -30.05
CA THR C 19 -35.37 10.55 -30.19
C THR C 19 -35.26 9.34 -29.26
N LEU C 20 -35.79 9.48 -28.04
CA LEU C 20 -35.72 8.41 -27.05
C LEU C 20 -36.47 7.16 -27.51
N ARG C 21 -37.69 7.33 -28.03
CA ARG C 21 -38.50 6.20 -28.49
C ARG C 21 -37.86 5.51 -29.70
N ASP C 22 -37.15 6.29 -30.52
CA ASP C 22 -36.44 5.76 -31.67
C ASP C 22 -35.30 4.85 -31.24
N ILE C 23 -34.54 5.30 -30.24
CA ILE C 23 -33.43 4.54 -29.69
C ILE C 23 -33.92 3.27 -29.02
N GLN C 24 -35.05 3.38 -28.31
CA GLN C 24 -35.61 2.25 -27.57
C GLN C 24 -36.09 1.12 -28.48
N ARG C 25 -36.39 1.44 -29.74
CA ARG C 25 -36.76 0.42 -30.72
C ARG C 25 -35.54 -0.36 -31.22
N MET C 26 -34.43 0.36 -31.45
CA MET C 26 -33.17 -0.23 -31.88
C MET C 26 -32.63 -1.23 -30.84
N LEU C 27 -32.67 -0.80 -29.57
CA LEU C 27 -32.11 -1.57 -28.46
C LEU C 27 -33.07 -2.64 -27.93
N PHE C 28 -34.38 -2.38 -28.02
CA PHE C 28 -35.41 -3.30 -27.52
C PHE C 28 -36.50 -3.52 -28.57
N GLU D 11 -31.39 19.36 -53.80
CA GLU D 11 -32.78 19.23 -53.25
C GLU D 11 -33.79 18.70 -54.30
N LEU D 12 -33.33 18.52 -55.54
CA LEU D 12 -34.02 17.68 -56.52
C LEU D 12 -33.34 16.30 -56.60
N ALA D 13 -32.12 16.21 -56.04
CA ALA D 13 -31.43 14.93 -55.87
C ALA D 13 -32.08 14.09 -54.77
N THR D 14 -32.85 14.74 -53.90
CA THR D 14 -33.67 14.05 -52.89
C THR D 14 -34.77 13.19 -53.52
N ARG D 15 -35.42 13.70 -54.56
CA ARG D 15 -36.37 12.90 -55.33
C ARG D 15 -35.68 11.67 -55.92
N ALA D 16 -34.45 11.86 -56.39
CA ALA D 16 -33.69 10.81 -57.05
C ALA D 16 -33.23 9.68 -56.12
N ILE D 17 -32.92 10.02 -54.86
CA ILE D 17 -32.15 9.12 -53.99
C ILE D 17 -32.81 7.79 -53.60
N PRO D 18 -34.10 7.76 -53.26
CA PRO D 18 -34.76 6.49 -52.92
C PRO D 18 -34.73 5.44 -54.05
N GLU D 19 -34.69 5.89 -55.30
CA GLU D 19 -34.50 5.01 -56.46
C GLU D 19 -33.03 4.56 -56.59
N LEU D 20 -32.10 5.47 -56.32
CA LEU D 20 -30.66 5.13 -56.28
C LEU D 20 -30.34 4.10 -55.19
N THR D 21 -31.14 4.08 -54.12
CA THR D 21 -30.94 3.16 -53.01
C THR D 21 -31.33 1.74 -53.43
N LYS D 22 -32.45 1.61 -54.13
CA LYS D 22 -32.94 0.32 -54.61
C LYS D 22 -31.96 -0.36 -55.56
N LEU D 23 -31.32 0.46 -56.41
CA LEU D 23 -30.41 -0.04 -57.41
C LEU D 23 -29.07 -0.48 -56.82
N LEU D 24 -28.69 0.15 -55.71
CA LEU D 24 -27.47 -0.24 -54.98
C LEU D 24 -27.63 -1.61 -54.32
N ASN D 25 -28.85 -1.92 -53.86
CA ASN D 25 -29.14 -3.21 -53.22
C ASN D 25 -29.63 -4.26 -54.21
N ASP D 26 -29.37 -4.04 -55.50
CA ASP D 26 -29.85 -4.91 -56.56
C ASP D 26 -29.02 -6.21 -56.63
N GLU D 27 -29.69 -7.31 -56.96
CA GLU D 27 -29.03 -8.61 -57.12
C GLU D 27 -28.12 -8.63 -58.35
N ASP D 28 -28.49 -7.88 -59.38
CA ASP D 28 -27.67 -7.73 -60.60
C ASP D 28 -26.47 -6.81 -60.34
N GLN D 29 -25.26 -7.35 -60.48
CA GLN D 29 -24.04 -6.65 -60.05
C GLN D 29 -23.57 -5.55 -60.99
N VAL D 30 -23.90 -5.63 -62.29
CA VAL D 30 -23.54 -4.57 -63.24
C VAL D 30 -24.37 -3.31 -62.95
N VAL D 31 -25.61 -3.52 -62.51
CA VAL D 31 -26.51 -2.43 -62.12
C VAL D 31 -25.98 -1.71 -60.87
N VAL D 32 -25.48 -2.50 -59.92
CA VAL D 32 -24.93 -1.98 -58.67
C VAL D 32 -23.72 -1.09 -58.91
N ASN D 33 -22.85 -1.53 -59.81
CA ASN D 33 -21.65 -0.76 -60.19
C ASN D 33 -21.99 0.56 -60.86
N LYS D 34 -23.07 0.59 -61.63
CA LYS D 34 -23.44 1.79 -62.36
C LYS D 34 -23.97 2.84 -61.39
N ALA D 35 -24.77 2.38 -60.42
CA ALA D 35 -25.29 3.23 -59.36
C ALA D 35 -24.18 3.70 -58.43
N ALA D 36 -23.18 2.85 -58.23
CA ALA D 36 -22.09 3.12 -57.30
C ALA D 36 -21.24 4.30 -57.76
N VAL D 37 -20.94 4.32 -59.06
CA VAL D 37 -20.20 5.42 -59.69
C VAL D 37 -20.99 6.71 -59.60
N MET D 38 -22.30 6.61 -59.82
CA MET D 38 -23.16 7.78 -59.87
C MET D 38 -23.32 8.40 -58.49
N VAL D 39 -23.37 7.56 -57.46
CA VAL D 39 -23.52 8.02 -56.08
C VAL D 39 -22.24 8.71 -55.58
N HIS D 40 -21.09 8.27 -56.11
CA HIS D 40 -19.80 8.91 -55.79
C HIS D 40 -19.66 10.27 -56.45
N GLN D 41 -20.17 10.40 -57.68
CA GLN D 41 -20.23 11.68 -58.40
C GLN D 41 -21.10 12.69 -57.64
N LEU D 42 -22.21 12.22 -57.09
CA LEU D 42 -23.12 13.07 -56.32
C LEU D 42 -22.46 13.55 -55.04
N SER D 43 -21.66 12.70 -54.41
CA SER D 43 -21.01 13.05 -53.16
C SER D 43 -19.91 14.11 -53.31
N LYS D 44 -19.49 14.41 -54.54
CA LYS D 44 -18.48 15.45 -54.80
C LYS D 44 -19.07 16.87 -54.70
N LYS D 45 -20.26 17.07 -55.25
CA LYS D 45 -20.91 18.38 -55.24
C LYS D 45 -21.67 18.60 -53.92
N GLU D 46 -21.71 19.85 -53.45
CA GLU D 46 -22.19 20.18 -52.10
C GLU D 46 -23.67 19.90 -51.86
N ALA D 47 -24.49 20.14 -52.88
CA ALA D 47 -25.94 19.96 -52.75
C ALA D 47 -26.31 18.49 -52.60
N SER D 48 -25.86 17.68 -53.54
CA SER D 48 -26.21 16.24 -53.58
C SER D 48 -25.56 15.44 -52.43
N ARG D 49 -24.48 15.97 -51.87
CA ARG D 49 -23.84 15.36 -50.71
C ARG D 49 -24.79 15.41 -49.50
N HIS D 50 -25.40 16.58 -49.28
CA HIS D 50 -26.37 16.76 -48.19
C HIS D 50 -27.56 15.82 -48.30
N ALA D 51 -27.96 15.50 -49.52
CA ALA D 51 -29.10 14.61 -49.75
C ALA D 51 -28.78 13.16 -49.38
N ILE D 52 -27.54 12.74 -49.63
CA ILE D 52 -27.10 11.39 -49.27
C ILE D 52 -27.03 11.22 -47.74
N MET D 53 -26.45 12.18 -47.04
CA MET D 53 -26.27 12.08 -45.58
C MET D 53 -27.58 12.12 -44.81
N ARG D 54 -28.59 12.78 -45.38
CA ARG D 54 -29.91 12.88 -44.77
C ARG D 54 -30.76 11.63 -45.01
N SER D 55 -30.32 10.75 -45.90
CA SER D 55 -30.99 9.47 -46.16
C SER D 55 -30.22 8.33 -45.52
N PRO D 56 -30.67 7.83 -44.36
CA PRO D 56 -29.99 6.69 -43.72
C PRO D 56 -30.17 5.35 -44.46
N GLN D 57 -31.15 5.30 -45.36
CA GLN D 57 -31.36 4.11 -46.18
C GLN D 57 -30.28 4.05 -47.27
N MET D 58 -29.87 5.22 -47.75
CA MET D 58 -28.84 5.37 -48.78
C MET D 58 -27.47 5.08 -48.22
N VAL D 59 -27.20 5.65 -47.05
CA VAL D 59 -25.89 5.52 -46.42
C VAL D 59 -25.64 4.07 -46.00
N SER D 60 -26.69 3.39 -45.56
CA SER D 60 -26.60 1.96 -45.25
C SER D 60 -26.31 1.16 -46.50
N ALA D 61 -26.93 1.54 -47.61
CA ALA D 61 -26.72 0.85 -48.88
C ALA D 61 -25.28 0.98 -49.36
N ILE D 62 -24.69 2.14 -49.13
CA ILE D 62 -23.30 2.39 -49.50
C ILE D 62 -22.36 1.56 -48.64
N VAL D 63 -22.64 1.50 -47.35
CA VAL D 63 -21.82 0.75 -46.39
C VAL D 63 -21.89 -0.74 -46.73
N ARG D 64 -23.09 -1.24 -46.95
CA ARG D 64 -23.34 -2.65 -47.28
C ARG D 64 -22.67 -3.05 -48.58
N THR D 65 -22.82 -2.23 -49.61
CA THR D 65 -22.28 -2.52 -50.93
C THR D 65 -20.75 -2.50 -50.93
N MET D 66 -20.16 -1.56 -50.23
CA MET D 66 -18.71 -1.53 -50.04
C MET D 66 -18.24 -2.87 -49.46
N GLN D 67 -18.91 -3.31 -48.41
CA GLN D 67 -18.50 -4.48 -47.63
C GLN D 67 -18.55 -5.82 -48.38
N ASN D 68 -19.51 -6.00 -49.28
CA ASN D 68 -19.71 -7.29 -49.93
C ASN D 68 -19.49 -7.33 -51.45
N THR D 69 -19.12 -6.19 -52.04
CA THR D 69 -18.82 -6.14 -53.46
C THR D 69 -17.55 -6.94 -53.75
N ASN D 70 -17.48 -7.48 -54.97
CA ASN D 70 -16.27 -8.12 -55.48
C ASN D 70 -15.65 -7.31 -56.62
N ASP D 71 -16.27 -6.17 -56.93
CA ASP D 71 -15.81 -5.31 -58.02
C ASP D 71 -14.94 -4.20 -57.45
N VAL D 72 -13.80 -3.97 -58.11
CA VAL D 72 -12.79 -3.03 -57.65
C VAL D 72 -13.23 -1.60 -57.83
N GLU D 73 -13.93 -1.32 -58.93
CA GLU D 73 -14.43 0.03 -59.19
C GLU D 73 -15.48 0.41 -58.15
N THR D 74 -16.30 -0.56 -57.77
CA THR D 74 -17.42 -0.34 -56.86
C THR D 74 -16.98 -0.12 -55.41
N ALA D 75 -15.94 -0.86 -55.00
CA ALA D 75 -15.34 -0.70 -53.68
C ALA D 75 -14.70 0.67 -53.57
N ARG D 76 -14.08 1.11 -54.67
CA ARG D 76 -13.43 2.41 -54.73
C ARG D 76 -14.44 3.54 -54.59
N CYS D 77 -15.57 3.42 -55.28
CA CYS D 77 -16.57 4.50 -55.30
C CYS D 77 -17.34 4.60 -53.99
N THR D 78 -17.72 3.47 -53.42
CA THR D 78 -18.46 3.44 -52.16
C THR D 78 -17.58 3.96 -51.02
N ALA D 79 -16.35 3.47 -50.92
CA ALA D 79 -15.37 3.98 -49.98
C ALA D 79 -15.11 5.48 -50.18
N GLY D 80 -14.99 5.90 -51.43
CA GLY D 80 -14.72 7.30 -51.74
C GLY D 80 -15.88 8.22 -51.34
N THR D 81 -17.08 7.66 -51.41
CA THR D 81 -18.30 8.37 -51.04
C THR D 81 -18.29 8.63 -49.55
N LEU D 82 -17.98 7.58 -48.79
CA LEU D 82 -17.88 7.65 -47.33
C LEU D 82 -16.81 8.64 -46.86
N HIS D 83 -15.70 8.69 -47.58
CA HIS D 83 -14.62 9.61 -47.27
C HIS D 83 -15.09 11.05 -47.43
N ASN D 84 -15.91 11.28 -48.45
CA ASN D 84 -16.43 12.62 -48.71
C ASN D 84 -17.41 13.10 -47.63
N LEU D 85 -18.20 12.17 -47.09
CA LEU D 85 -19.12 12.50 -46.00
C LEU D 85 -18.35 12.69 -44.68
N SER D 86 -17.13 12.18 -44.62
CA SER D 86 -16.34 12.21 -43.39
C SER D 86 -15.63 13.53 -43.13
N HIS D 87 -15.79 14.49 -44.03
CA HIS D 87 -15.24 15.83 -43.85
C HIS D 87 -16.19 16.70 -43.02
N HIS D 88 -17.45 16.31 -42.93
CA HIS D 88 -18.49 17.13 -42.29
C HIS D 88 -19.06 16.47 -41.04
N ARG D 89 -19.48 17.30 -40.07
CA ARG D 89 -19.99 16.82 -38.78
C ARG D 89 -21.23 15.95 -38.94
N GLU D 90 -22.12 16.34 -39.86
CA GLU D 90 -23.36 15.59 -40.09
C GLU D 90 -23.13 14.33 -40.92
N GLY D 91 -22.11 14.36 -41.79
CA GLY D 91 -21.72 13.18 -42.55
C GLY D 91 -21.03 12.12 -41.70
N LEU D 92 -20.29 12.57 -40.68
CA LEU D 92 -19.60 11.66 -39.76
C LEU D 92 -20.61 10.94 -38.86
N LEU D 93 -21.69 11.63 -38.52
CA LEU D 93 -22.73 11.06 -37.68
C LEU D 93 -23.51 10.00 -38.43
N ALA D 94 -23.69 10.20 -39.74
CA ALA D 94 -24.43 9.24 -40.55
C ALA D 94 -23.63 7.97 -40.79
N ILE D 95 -22.33 8.14 -41.04
CA ILE D 95 -21.41 7.00 -41.15
C ILE D 95 -21.46 6.17 -39.87
N PHE D 96 -21.50 6.85 -38.73
CA PHE D 96 -21.50 6.20 -37.43
C PHE D 96 -22.76 5.37 -37.22
N LYS D 97 -23.92 5.99 -37.35
CA LYS D 97 -25.21 5.33 -37.11
C LYS D 97 -25.46 4.11 -38.02
N SER D 98 -24.87 4.10 -39.21
CA SER D 98 -25.14 3.03 -40.16
C SER D 98 -24.17 1.83 -40.08
N GLY D 99 -23.39 1.75 -39.00
CA GLY D 99 -22.41 0.67 -38.86
C GLY D 99 -21.26 0.81 -39.84
N GLY D 100 -20.92 2.05 -40.15
CA GLY D 100 -19.90 2.35 -41.14
C GLY D 100 -18.52 2.01 -40.64
N ILE D 101 -18.28 2.15 -39.34
CA ILE D 101 -16.96 1.87 -38.77
C ILE D 101 -16.58 0.38 -38.87
N PRO D 102 -17.39 -0.55 -38.39
CA PRO D 102 -17.06 -1.97 -38.58
C PRO D 102 -16.79 -2.32 -40.06
N ALA D 103 -17.55 -1.71 -40.96
CA ALA D 103 -17.37 -1.96 -42.39
C ALA D 103 -16.04 -1.41 -42.89
N LEU D 104 -15.69 -0.21 -42.43
CA LEU D 104 -14.42 0.43 -42.82
C LEU D 104 -13.22 -0.32 -42.26
N VAL D 105 -13.32 -0.78 -41.02
CA VAL D 105 -12.28 -1.60 -40.42
C VAL D 105 -12.01 -2.87 -41.25
N LYS D 106 -13.05 -3.51 -41.81
CA LYS D 106 -12.84 -4.69 -42.66
C LYS D 106 -12.17 -4.35 -44.01
N MET D 107 -12.36 -3.12 -44.48
CA MET D 107 -11.72 -2.66 -45.71
C MET D 107 -10.24 -2.37 -45.55
N LEU D 108 -9.72 -2.48 -44.33
CA LEU D 108 -8.29 -2.29 -44.08
C LEU D 108 -7.48 -3.49 -44.54
N GLY D 109 -8.16 -4.61 -44.80
CA GLY D 109 -7.53 -5.78 -45.39
C GLY D 109 -7.68 -5.81 -46.89
N SER D 110 -8.21 -4.74 -47.48
CA SER D 110 -8.41 -4.68 -48.92
C SER D 110 -7.09 -4.74 -49.68
N PRO D 111 -7.05 -5.46 -50.80
CA PRO D 111 -5.85 -5.49 -51.65
C PRO D 111 -5.77 -4.33 -52.64
N VAL D 112 -6.83 -3.52 -52.69
CA VAL D 112 -6.88 -2.34 -53.54
C VAL D 112 -6.41 -1.18 -52.67
N ASP D 113 -5.40 -0.44 -53.13
CA ASP D 113 -4.75 0.58 -52.30
C ASP D 113 -5.62 1.80 -52.13
N SER D 114 -6.26 2.25 -53.20
CA SER D 114 -7.17 3.38 -53.11
C SER D 114 -8.26 3.11 -52.05
N VAL D 115 -8.73 1.87 -51.94
CA VAL D 115 -9.72 1.50 -50.92
C VAL D 115 -9.08 1.57 -49.53
N LEU D 116 -7.85 1.10 -49.45
CA LEU D 116 -7.11 1.10 -48.18
C LEU D 116 -6.95 2.50 -47.63
N PHE D 117 -6.61 3.44 -48.51
CA PHE D 117 -6.30 4.81 -48.12
C PHE D 117 -7.57 5.56 -47.77
N TYR D 118 -8.63 5.34 -48.53
CA TYR D 118 -9.92 5.95 -48.22
C TYR D 118 -10.37 5.47 -46.83
N ALA D 119 -10.19 4.17 -46.57
CA ALA D 119 -10.65 3.56 -45.34
C ALA D 119 -9.95 4.12 -44.11
N ILE D 120 -8.63 4.29 -44.19
CA ILE D 120 -7.85 4.72 -43.04
C ILE D 120 -7.96 6.22 -42.78
N THR D 121 -8.07 7.05 -43.83
CA THR D 121 -8.26 8.51 -43.65
C THR D 121 -9.67 8.84 -43.15
N THR D 122 -10.65 8.05 -43.58
CA THR D 122 -12.03 8.19 -43.12
C THR D 122 -12.14 7.79 -41.65
N LEU D 123 -11.50 6.68 -41.27
CA LEU D 123 -11.49 6.26 -39.88
C LEU D 123 -10.76 7.27 -39.02
N HIS D 124 -9.73 7.91 -39.57
CA HIS D 124 -8.98 8.92 -38.84
C HIS D 124 -9.85 10.13 -38.54
N ASN D 125 -10.62 10.55 -39.54
CA ASN D 125 -11.56 11.66 -39.35
C ASN D 125 -12.55 11.33 -38.25
N LEU D 126 -12.99 10.07 -38.20
CA LEU D 126 -13.96 9.63 -37.20
C LEU D 126 -13.35 9.65 -35.80
N LEU D 127 -12.11 9.19 -35.69
CA LEU D 127 -11.41 9.14 -34.42
C LEU D 127 -11.10 10.54 -33.87
N LEU D 128 -10.92 11.52 -34.76
CA LEU D 128 -10.69 12.90 -34.34
C LEU D 128 -11.98 13.57 -33.82
N HIS D 129 -13.10 13.37 -34.52
CA HIS D 129 -14.24 14.27 -34.41
C HIS D 129 -15.59 13.66 -34.03
N GLN D 130 -15.67 12.35 -33.81
CA GLN D 130 -16.95 11.68 -33.59
C GLN D 130 -16.94 10.93 -32.27
N GLU D 131 -17.82 11.34 -31.35
CA GLU D 131 -17.99 10.66 -30.08
C GLU D 131 -18.41 9.22 -30.37
N GLY D 132 -17.71 8.27 -29.75
CA GLY D 132 -18.03 6.86 -29.90
C GLY D 132 -17.20 6.12 -30.93
N ALA D 133 -16.36 6.83 -31.67
CA ALA D 133 -15.57 6.24 -32.74
C ALA D 133 -14.51 5.32 -32.18
N LYS D 134 -13.85 5.76 -31.11
CA LYS D 134 -12.75 5.01 -30.51
C LYS D 134 -13.16 3.61 -30.09
N MET D 135 -14.27 3.52 -29.38
CA MET D 135 -14.74 2.23 -28.87
C MET D 135 -15.26 1.35 -30.01
N ALA D 136 -15.81 1.97 -31.04
CA ALA D 136 -16.32 1.22 -32.19
C ALA D 136 -15.16 0.55 -32.91
N VAL D 137 -14.07 1.30 -33.14
CA VAL D 137 -12.89 0.77 -33.81
C VAL D 137 -12.23 -0.32 -32.95
N ARG D 138 -12.11 -0.09 -31.65
CA ARG D 138 -11.58 -1.09 -30.73
C ARG D 138 -12.40 -2.37 -30.82
N LEU D 139 -13.72 -2.19 -30.85
CA LEU D 139 -14.67 -3.29 -30.85
C LEU D 139 -14.69 -4.09 -32.17
N ALA D 140 -14.26 -3.47 -33.27
CA ALA D 140 -14.32 -4.10 -34.59
C ALA D 140 -13.00 -4.76 -35.00
N GLY D 141 -12.06 -4.91 -34.07
CA GLY D 141 -10.77 -5.52 -34.35
C GLY D 141 -9.82 -4.60 -35.09
N GLY D 142 -10.09 -3.30 -35.03
CA GLY D 142 -9.35 -2.29 -35.75
C GLY D 142 -7.90 -2.16 -35.33
N LEU D 143 -7.59 -2.35 -34.05
CA LEU D 143 -6.21 -2.25 -33.58
C LEU D 143 -5.33 -3.30 -34.23
N GLN D 144 -5.84 -4.52 -34.28
CA GLN D 144 -5.09 -5.65 -34.81
C GLN D 144 -4.76 -5.46 -36.29
N LYS D 145 -5.72 -4.93 -37.05
CA LYS D 145 -5.55 -4.71 -38.49
C LYS D 145 -4.62 -3.54 -38.75
N MET D 146 -4.63 -2.56 -37.86
CA MET D 146 -3.76 -1.39 -38.00
C MET D 146 -2.29 -1.77 -37.76
N VAL D 147 -2.05 -2.64 -36.80
CA VAL D 147 -0.70 -3.07 -36.46
C VAL D 147 -0.16 -3.96 -37.58
N ALA D 148 -1.01 -4.77 -38.19
CA ALA D 148 -0.58 -5.58 -39.33
C ALA D 148 -0.22 -4.72 -40.56
N LEU D 149 -0.78 -3.50 -40.64
CA LEU D 149 -0.52 -2.59 -41.76
C LEU D 149 0.77 -1.75 -41.63
N LEU D 150 1.47 -1.89 -40.51
CA LEU D 150 2.72 -1.17 -40.25
C LEU D 150 3.92 -1.72 -41.00
N ASN D 151 3.75 -2.85 -41.69
CA ASN D 151 4.78 -3.33 -42.61
C ASN D 151 4.56 -2.88 -44.05
N LYS D 152 3.63 -1.95 -44.28
CA LYS D 152 3.49 -1.29 -45.57
C LYS D 152 4.60 -0.23 -45.74
N THR D 153 4.84 0.23 -46.96
CA THR D 153 5.96 1.15 -47.22
C THR D 153 5.62 2.56 -47.68
N ASN D 154 4.35 2.83 -47.92
CA ASN D 154 3.93 4.19 -48.25
C ASN D 154 3.96 5.02 -46.95
N VAL D 155 4.86 5.98 -46.87
CA VAL D 155 5.12 6.71 -45.62
C VAL D 155 3.95 7.57 -45.18
N LYS D 156 3.22 8.14 -46.12
CA LYS D 156 2.07 8.98 -45.78
C LYS D 156 1.01 8.14 -45.12
N PHE D 157 0.69 7.02 -45.77
CA PHE D 157 -0.20 6.01 -45.21
C PHE D 157 0.25 5.57 -43.82
N LEU D 158 1.55 5.36 -43.64
CA LEU D 158 2.05 4.93 -42.33
C LEU D 158 1.87 6.00 -41.25
N ALA D 159 1.91 7.28 -41.61
CA ALA D 159 1.82 8.36 -40.65
C ALA D 159 0.40 8.50 -40.15
N ILE D 160 -0.56 8.29 -41.03
CA ILE D 160 -1.97 8.31 -40.62
C ILE D 160 -2.28 7.11 -39.75
N THR D 161 -1.72 5.95 -40.08
CA THR D 161 -2.01 4.71 -39.37
C THR D 161 -1.45 4.73 -37.97
N THR D 162 -0.19 5.16 -37.83
CA THR D 162 0.42 5.30 -36.51
C THR D 162 -0.31 6.35 -35.68
N ASP D 163 -0.80 7.40 -36.33
CA ASP D 163 -1.56 8.42 -35.59
C ASP D 163 -2.89 7.89 -35.08
N CYS D 164 -3.60 7.09 -35.88
CA CYS D 164 -4.82 6.41 -35.40
C CYS D 164 -4.52 5.59 -34.14
N LEU D 165 -3.41 4.84 -34.15
CA LEU D 165 -3.02 4.03 -33.01
C LEU D 165 -2.74 4.87 -31.78
N GLN D 166 -2.09 6.03 -31.97
CA GLN D 166 -1.85 6.99 -30.88
C GLN D 166 -3.16 7.46 -30.25
N ILE D 167 -4.15 7.78 -31.07
CA ILE D 167 -5.45 8.23 -30.54
C ILE D 167 -6.13 7.13 -29.75
N LEU D 168 -6.00 5.88 -30.23
CA LEU D 168 -6.69 4.71 -29.65
C LEU D 168 -6.01 4.17 -28.40
N ALA D 169 -4.70 4.28 -28.33
CA ALA D 169 -3.92 3.70 -27.25
C ALA D 169 -3.82 4.63 -26.05
N TYR D 170 -3.99 5.94 -26.28
CA TYR D 170 -3.82 6.91 -25.21
C TYR D 170 -4.79 6.64 -24.06
N GLY D 171 -4.24 6.51 -22.86
CA GLY D 171 -5.03 6.36 -21.64
C GLY D 171 -5.81 5.07 -21.51
N ASN D 172 -5.51 4.10 -22.37
CA ASN D 172 -6.33 2.90 -22.53
C ASN D 172 -5.48 1.65 -22.49
N GLN D 173 -5.28 1.11 -21.29
CA GLN D 173 -4.41 -0.05 -21.08
C GLN D 173 -4.86 -1.23 -21.92
N GLU D 174 -6.17 -1.40 -22.06
CA GLU D 174 -6.72 -2.51 -22.83
C GLU D 174 -6.20 -2.48 -24.27
N SER D 175 -6.20 -1.30 -24.89
CA SER D 175 -5.69 -1.14 -26.25
C SER D 175 -4.19 -1.35 -26.37
N LYS D 176 -3.45 -0.95 -25.32
CA LYS D 176 -2.00 -1.11 -25.30
C LYS D 176 -1.63 -2.59 -25.28
N LEU D 177 -2.39 -3.40 -24.56
CA LEU D 177 -2.13 -4.84 -24.52
C LEU D 177 -2.50 -5.56 -25.83
N ILE D 178 -3.47 -5.06 -26.57
CA ILE D 178 -3.78 -5.64 -27.87
C ILE D 178 -2.70 -5.29 -28.89
N ILE D 179 -2.17 -4.07 -28.79
CA ILE D 179 -1.08 -3.62 -29.65
C ILE D 179 0.16 -4.47 -29.40
N LEU D 180 0.46 -4.74 -28.13
CA LEU D 180 1.59 -5.61 -27.77
C LEU D 180 1.46 -7.00 -28.37
N ALA D 181 0.28 -7.58 -28.29
CA ALA D 181 0.03 -8.95 -28.76
C ALA D 181 0.07 -9.09 -30.29
N SER D 182 -0.21 -8.00 -31.02
CA SER D 182 -0.20 -8.02 -32.49
C SER D 182 1.19 -7.75 -33.09
N GLY D 183 2.20 -7.53 -32.24
CA GLY D 183 3.56 -7.28 -32.67
C GLY D 183 3.87 -5.80 -32.83
N GLY D 184 3.19 -4.97 -32.05
CA GLY D 184 3.26 -3.51 -32.17
C GLY D 184 4.64 -2.92 -31.98
N PRO D 185 5.27 -3.15 -30.83
CA PRO D 185 6.61 -2.63 -30.53
C PRO D 185 7.67 -2.84 -31.61
N GLN D 186 7.85 -4.06 -32.11
CA GLN D 186 8.86 -4.33 -33.14
C GLN D 186 8.59 -3.59 -34.47
N ALA D 187 7.31 -3.42 -34.81
CA ALA D 187 6.94 -2.77 -36.06
C ALA D 187 7.16 -1.26 -35.99
N LEU D 188 6.88 -0.69 -34.82
CA LEU D 188 7.13 0.72 -34.55
C LEU D 188 8.63 1.04 -34.47
N VAL D 189 9.38 0.22 -33.75
CA VAL D 189 10.84 0.34 -33.72
C VAL D 189 11.45 0.21 -35.14
N ASN D 190 10.91 -0.66 -35.97
CA ASN D 190 11.43 -0.83 -37.33
C ASN D 190 11.25 0.43 -38.18
N ILE D 191 10.08 1.08 -38.06
CA ILE D 191 9.83 2.38 -38.70
C ILE D 191 10.85 3.44 -38.29
N MET D 192 11.18 3.49 -37.01
CA MET D 192 12.15 4.46 -36.49
C MET D 192 13.56 4.20 -37.07
N ARG D 193 13.91 2.96 -37.36
CA ARG D 193 15.21 2.63 -37.95
C ARG D 193 15.28 2.74 -39.47
N THR D 194 14.14 2.93 -40.12
CA THR D 194 14.05 2.76 -41.57
C THR D 194 13.78 4.04 -42.33
N TYR D 195 12.94 4.91 -41.79
CA TYR D 195 12.44 6.05 -42.56
C TYR D 195 13.05 7.37 -42.08
N THR D 196 13.07 8.36 -42.97
CA THR D 196 13.61 9.68 -42.63
C THR D 196 12.58 10.80 -42.77
N TYR D 197 11.32 10.45 -43.03
CA TYR D 197 10.25 11.40 -43.22
C TYR D 197 9.80 11.91 -41.85
N GLU D 198 10.07 13.17 -41.56
CA GLU D 198 9.92 13.71 -40.21
C GLU D 198 8.52 13.47 -39.62
N LYS D 199 7.48 13.65 -40.42
CA LYS D 199 6.11 13.51 -39.91
C LYS D 199 5.81 12.09 -39.41
N LEU D 200 6.32 11.08 -40.12
CA LEU D 200 6.16 9.70 -39.72
C LEU D 200 6.98 9.35 -38.48
N LEU D 201 8.20 9.86 -38.39
CA LEU D 201 9.02 9.62 -37.19
C LEU D 201 8.33 10.22 -35.95
N TRP D 202 7.68 11.35 -36.14
CA TRP D 202 6.98 12.03 -35.06
C TRP D 202 5.75 11.26 -34.59
N THR D 203 4.83 10.93 -35.49
CA THR D 203 3.63 10.17 -35.10
C THR D 203 4.03 8.86 -34.47
N THR D 204 4.98 8.16 -35.09
CA THR D 204 5.45 6.87 -34.57
C THR D 204 6.04 7.04 -33.17
N SER D 205 6.82 8.10 -32.97
CA SER D 205 7.43 8.36 -31.67
C SER D 205 6.42 8.70 -30.58
N ARG D 206 5.27 9.27 -30.95
CA ARG D 206 4.19 9.50 -30.00
C ARG D 206 3.46 8.22 -29.56
N VAL D 207 3.39 7.23 -30.45
CA VAL D 207 2.79 5.94 -30.09
C VAL D 207 3.73 5.22 -29.13
N LEU D 208 5.03 5.23 -29.45
CA LEU D 208 6.03 4.62 -28.59
C LEU D 208 6.05 5.26 -27.21
N LYS D 209 5.77 6.55 -27.15
CA LYS D 209 5.78 7.26 -25.88
C LYS D 209 4.63 6.80 -24.99
N VAL D 210 3.44 6.77 -25.58
CA VAL D 210 2.25 6.25 -24.92
C VAL D 210 2.49 4.81 -24.44
N LEU D 211 3.08 3.99 -25.30
CA LEU D 211 3.34 2.59 -24.97
C LEU D 211 4.44 2.41 -23.93
N SER D 212 5.31 3.40 -23.78
CA SER D 212 6.47 3.24 -22.89
C SER D 212 6.15 3.28 -21.40
N VAL D 213 4.95 3.75 -21.02
CA VAL D 213 4.53 3.77 -19.61
C VAL D 213 3.75 2.52 -19.18
N CYS D 214 3.37 1.70 -20.16
CA CYS D 214 2.78 0.42 -19.91
C CYS D 214 3.91 -0.56 -19.59
N SER D 215 3.73 -1.39 -18.56
CA SER D 215 4.80 -2.25 -18.05
C SER D 215 5.05 -3.54 -18.86
N SER D 216 4.10 -3.92 -19.72
CA SER D 216 4.28 -5.10 -20.57
C SER D 216 4.90 -4.72 -21.91
N ASN D 217 4.57 -3.52 -22.40
CA ASN D 217 5.10 -3.01 -23.67
C ASN D 217 6.53 -2.52 -23.52
N LYS D 218 6.84 -1.91 -22.38
CA LYS D 218 8.17 -1.36 -22.15
C LYS D 218 9.31 -2.37 -22.39
N PRO D 219 9.30 -3.53 -21.72
CA PRO D 219 10.32 -4.56 -22.00
C PRO D 219 10.36 -5.00 -23.47
N ALA D 220 9.20 -5.05 -24.12
CA ALA D 220 9.12 -5.48 -25.52
C ALA D 220 9.73 -4.45 -26.46
N ILE D 221 9.52 -3.17 -26.15
CA ILE D 221 10.12 -2.09 -26.93
C ILE D 221 11.64 -2.13 -26.82
N VAL D 222 12.14 -2.39 -25.62
CA VAL D 222 13.57 -2.49 -25.38
C VAL D 222 14.21 -3.71 -26.08
N GLU D 223 13.53 -4.85 -26.13
CA GLU D 223 14.04 -6.05 -26.82
C GLU D 223 14.11 -5.86 -28.33
N ALA D 224 13.23 -5.03 -28.88
CA ALA D 224 13.18 -4.79 -30.33
C ALA D 224 14.29 -3.85 -30.80
N GLY D 225 15.09 -3.36 -29.85
CA GLY D 225 16.12 -2.38 -30.13
C GLY D 225 15.56 -0.98 -30.06
N GLY D 226 14.54 -0.79 -29.22
CA GLY D 226 13.90 0.50 -29.07
C GLY D 226 14.80 1.66 -28.66
N MET D 227 15.74 1.42 -27.77
CA MET D 227 16.59 2.48 -27.20
C MET D 227 17.56 3.02 -28.24
N GLN D 228 18.19 2.12 -28.97
CA GLN D 228 19.20 2.47 -29.97
C GLN D 228 18.55 3.17 -31.15
N ALA D 229 17.34 2.74 -31.50
CA ALA D 229 16.59 3.29 -32.60
C ALA D 229 16.18 4.73 -32.33
N LEU D 230 15.65 4.97 -31.13
CA LEU D 230 15.30 6.33 -30.71
C LEU D 230 16.55 7.22 -30.64
N GLY D 231 17.70 6.60 -30.37
CA GLY D 231 18.98 7.28 -30.28
C GLY D 231 19.46 7.89 -31.58
N LEU D 232 19.07 7.28 -32.71
CA LEU D 232 19.38 7.79 -34.04
C LEU D 232 18.87 9.21 -34.31
N HIS D 233 17.79 9.62 -33.64
CA HIS D 233 17.11 10.87 -33.95
C HIS D 233 17.33 11.98 -32.92
N LEU D 234 18.29 11.80 -32.03
CA LEU D 234 18.53 12.75 -30.94
C LEU D 234 19.24 14.06 -31.35
N THR D 235 19.75 14.13 -32.58
CA THR D 235 20.31 15.39 -33.14
C THR D 235 19.58 15.84 -34.40
N ASP D 236 18.37 15.35 -34.58
CA ASP D 236 17.51 15.69 -35.70
C ASP D 236 17.04 17.15 -35.54
N PRO D 237 17.06 17.94 -36.63
CA PRO D 237 16.59 19.34 -36.58
C PRO D 237 15.22 19.56 -35.94
N SER D 238 14.31 18.59 -36.02
CA SER D 238 12.99 18.74 -35.43
C SER D 238 13.05 18.63 -33.91
N GLN D 239 12.66 19.69 -33.22
CA GLN D 239 12.71 19.70 -31.75
C GLN D 239 11.62 18.80 -31.14
N ARG D 240 10.46 18.69 -31.79
CA ARG D 240 9.37 17.86 -31.27
C ARG D 240 9.66 16.37 -31.45
N LEU D 241 10.43 16.02 -32.48
CA LEU D 241 10.83 14.63 -32.66
C LEU D 241 11.82 14.30 -31.57
N VAL D 242 12.80 15.18 -31.38
CA VAL D 242 13.85 15.01 -30.37
C VAL D 242 13.28 14.87 -28.96
N GLN D 243 12.31 15.68 -28.59
CA GLN D 243 11.77 15.61 -27.23
C GLN D 243 10.88 14.40 -26.98
N ASN D 244 10.17 13.92 -28.00
CA ASN D 244 9.43 12.66 -27.85
C ASN D 244 10.39 11.49 -27.67
N CYS D 245 11.50 11.52 -28.39
CA CYS D 245 12.49 10.47 -28.29
C CYS D 245 13.14 10.46 -26.90
N LEU D 246 13.43 11.63 -26.35
CA LEU D 246 14.01 11.74 -25.00
C LEU D 246 13.02 11.30 -23.90
N TRP D 247 11.77 11.76 -23.97
CA TRP D 247 10.76 11.42 -22.97
C TRP D 247 10.57 9.91 -22.96
N THR D 248 10.50 9.33 -24.16
CA THR D 248 10.30 7.91 -24.36
C THR D 248 11.47 7.11 -23.83
N LEU D 249 12.68 7.47 -24.24
CA LEU D 249 13.89 6.83 -23.75
C LEU D 249 13.94 6.80 -22.23
N ARG D 250 13.58 7.91 -21.60
CA ARG D 250 13.62 8.02 -20.14
C ARG D 250 12.60 7.10 -19.47
N ASN D 251 11.42 6.96 -20.07
CA ASN D 251 10.42 6.00 -19.59
C ASN D 251 10.91 4.57 -19.71
N LEU D 252 11.67 4.31 -20.77
CA LEU D 252 12.19 2.96 -21.04
C LEU D 252 13.45 2.65 -20.26
N SER D 253 14.10 3.66 -19.70
CA SER D 253 15.47 3.50 -19.21
C SER D 253 15.61 2.50 -18.04
N ASP D 254 14.63 2.43 -17.17
CA ASP D 254 14.71 1.50 -16.03
C ASP D 254 14.67 0.01 -16.41
N ALA D 255 14.32 -0.27 -17.66
CA ALA D 255 14.23 -1.63 -18.19
C ALA D 255 15.36 -1.96 -19.17
N ALA D 256 16.23 -1.00 -19.45
CA ALA D 256 17.26 -1.13 -20.50
C ALA D 256 18.69 -1.29 -19.99
N THR D 257 18.86 -1.79 -18.77
CA THR D 257 20.20 -1.84 -18.14
C THR D 257 21.04 -3.07 -18.51
N LYS D 258 20.48 -3.96 -19.34
CA LYS D 258 21.20 -5.16 -19.80
C LYS D 258 21.49 -5.12 -21.31
N GLN D 259 20.96 -4.11 -22.01
CA GLN D 259 21.11 -3.98 -23.46
C GLN D 259 22.56 -3.73 -23.85
N GLU D 260 22.88 -4.06 -25.09
CA GLU D 260 24.20 -3.74 -25.67
C GLU D 260 24.05 -2.85 -26.92
N GLY D 261 25.18 -2.47 -27.52
CA GLY D 261 25.17 -1.54 -28.64
C GLY D 261 24.71 -0.14 -28.25
N MET D 262 25.14 0.33 -27.07
CA MET D 262 24.70 1.61 -26.52
C MET D 262 25.78 2.71 -26.59
N GLU D 263 26.93 2.39 -27.17
CA GLU D 263 28.05 3.35 -27.25
C GLU D 263 27.62 4.67 -27.88
N GLY D 264 26.83 4.59 -28.95
CA GLY D 264 26.35 5.77 -29.66
C GLY D 264 25.39 6.61 -28.85
N LEU D 265 24.40 5.96 -28.24
CA LEU D 265 23.40 6.64 -27.44
C LEU D 265 24.00 7.33 -26.20
N LEU D 266 24.82 6.60 -25.46
CA LEU D 266 25.51 7.16 -24.30
C LEU D 266 26.33 8.41 -24.66
N GLY D 267 27.05 8.39 -25.77
CA GLY D 267 27.84 9.52 -26.21
C GLY D 267 27.00 10.74 -26.48
N THR D 268 25.91 10.55 -27.22
CA THR D 268 24.98 11.62 -27.58
C THR D 268 24.32 12.24 -26.35
N LEU D 269 24.09 11.44 -25.31
CA LEU D 269 23.39 11.90 -24.13
C LEU D 269 24.30 12.80 -23.30
N VAL D 270 25.55 12.40 -23.17
CA VAL D 270 26.54 13.19 -22.47
C VAL D 270 26.69 14.57 -23.11
N GLN D 271 26.71 14.62 -24.44
CA GLN D 271 26.85 15.93 -25.12
C GLN D 271 25.55 16.73 -25.13
N LEU D 272 24.42 16.06 -24.91
CA LEU D 272 23.15 16.75 -24.69
C LEU D 272 23.04 17.42 -23.31
N LEU D 273 23.93 17.06 -22.37
CA LEU D 273 24.00 17.76 -21.09
C LEU D 273 24.53 19.19 -21.25
N GLY D 274 25.24 19.47 -22.35
CA GLY D 274 25.72 20.82 -22.63
C GLY D 274 24.72 21.71 -23.35
N SER D 275 23.52 21.19 -23.62
CA SER D 275 22.47 21.92 -24.33
C SER D 275 22.06 23.20 -23.61
N ASP D 276 21.65 24.20 -24.39
CA ASP D 276 21.08 25.44 -23.83
C ASP D 276 19.69 25.25 -23.16
N ASP D 277 19.08 24.10 -23.38
CA ASP D 277 17.72 23.83 -23.02
C ASP D 277 17.68 22.85 -21.84
N ILE D 278 17.44 23.38 -20.65
CA ILE D 278 17.50 22.62 -19.41
C ILE D 278 16.52 21.44 -19.33
N ASN D 279 15.46 21.46 -20.12
CA ASN D 279 14.57 20.28 -20.17
C ASN D 279 15.28 19.11 -20.84
N VAL D 280 15.97 19.37 -21.95
CA VAL D 280 16.81 18.38 -22.64
C VAL D 280 17.84 17.79 -21.66
N VAL D 281 18.57 18.66 -20.98
CA VAL D 281 19.58 18.26 -20.00
C VAL D 281 19.00 17.33 -18.92
N THR D 282 17.82 17.70 -18.42
CA THR D 282 17.14 16.96 -17.36
C THR D 282 16.82 15.53 -17.79
N CYS D 283 16.26 15.39 -18.99
CA CYS D 283 15.96 14.07 -19.56
C CYS D 283 17.22 13.24 -19.73
N ALA D 284 18.24 13.84 -20.34
CA ALA D 284 19.52 13.18 -20.56
C ALA D 284 20.11 12.67 -19.24
N ALA D 285 19.96 13.44 -18.18
CA ALA D 285 20.50 13.07 -16.87
C ALA D 285 19.81 11.84 -16.29
N GLY D 286 18.47 11.81 -16.42
CA GLY D 286 17.67 10.73 -15.88
C GLY D 286 17.89 9.44 -16.63
N ILE D 287 17.93 9.54 -17.95
CA ILE D 287 18.26 8.41 -18.79
C ILE D 287 19.62 7.84 -18.41
N LEU D 288 20.63 8.70 -18.37
CA LEU D 288 22.01 8.29 -18.05
C LEU D 288 22.08 7.64 -16.69
N SER D 289 21.34 8.20 -15.74
CA SER D 289 21.31 7.68 -14.38
C SER D 289 20.85 6.24 -14.37
N ASN D 290 19.77 5.94 -15.10
CA ASN D 290 19.22 4.60 -15.15
C ASN D 290 20.07 3.61 -15.92
N LEU D 291 20.63 4.08 -17.03
CA LEU D 291 21.49 3.24 -17.87
C LEU D 291 22.82 2.89 -17.20
N THR D 292 23.33 3.74 -16.30
CA THR D 292 24.59 3.45 -15.59
C THR D 292 24.39 2.57 -14.37
N CYS D 293 23.14 2.42 -13.94
CA CYS D 293 22.79 1.57 -12.80
C CYS D 293 23.21 0.10 -12.98
N ASN D 294 24.26 -0.32 -12.26
CA ASN D 294 24.77 -1.69 -12.25
C ASN D 294 25.24 -2.23 -13.60
N ASN D 295 25.68 -1.34 -14.48
CA ASN D 295 26.20 -1.73 -15.79
C ASN D 295 27.61 -1.17 -15.95
N TYR D 296 28.61 -2.00 -15.73
CA TYR D 296 29.98 -1.53 -15.68
C TYR D 296 30.49 -1.05 -17.04
N LYS D 297 30.00 -1.64 -18.13
CA LYS D 297 30.41 -1.23 -19.47
C LYS D 297 29.91 0.17 -19.80
N ASN D 298 28.66 0.47 -19.45
CA ASN D 298 28.05 1.77 -19.71
C ASN D 298 28.70 2.85 -18.85
N LYS D 299 29.06 2.48 -17.62
CA LYS D 299 29.80 3.37 -16.73
C LYS D 299 31.14 3.79 -17.35
N MET D 300 31.86 2.82 -17.91
CA MET D 300 33.16 3.06 -18.53
C MET D 300 33.04 4.00 -19.74
N MET D 301 32.06 3.74 -20.59
CA MET D 301 31.88 4.57 -21.79
C MET D 301 31.50 6.00 -21.45
N VAL D 302 30.71 6.17 -20.39
CA VAL D 302 30.26 7.50 -19.98
C VAL D 302 31.42 8.31 -19.42
N CYS D 303 32.30 7.67 -18.66
CA CYS D 303 33.46 8.32 -18.07
C CYS D 303 34.47 8.73 -19.14
N GLN D 304 34.55 7.96 -20.21
CA GLN D 304 35.54 8.20 -21.26
C GLN D 304 35.20 9.32 -22.24
N VAL D 305 33.92 9.65 -22.37
CA VAL D 305 33.52 10.79 -23.21
C VAL D 305 33.25 12.04 -22.35
N GLY D 306 33.85 12.10 -21.17
CA GLY D 306 33.81 13.28 -20.32
C GLY D 306 32.56 13.40 -19.46
N GLY D 307 31.99 12.28 -19.05
CA GLY D 307 30.72 12.26 -18.35
C GLY D 307 30.72 12.88 -16.96
N ILE D 308 31.80 12.71 -16.22
CA ILE D 308 31.88 13.28 -14.87
C ILE D 308 31.82 14.80 -14.93
N GLU D 309 32.57 15.42 -15.85
CA GLU D 309 32.59 16.88 -15.91
C GLU D 309 31.23 17.43 -16.33
N ALA D 310 30.63 16.82 -17.34
CA ALA D 310 29.33 17.23 -17.83
C ALA D 310 28.24 17.12 -16.75
N LEU D 311 28.31 16.06 -15.93
CA LEU D 311 27.34 15.84 -14.85
C LEU D 311 27.54 16.81 -13.68
N VAL D 312 28.80 17.09 -13.33
CA VAL D 312 29.11 18.12 -12.34
C VAL D 312 28.61 19.49 -12.80
N ARG D 313 28.87 19.84 -14.06
CA ARG D 313 28.39 21.09 -14.62
C ARG D 313 26.89 21.18 -14.59
N THR D 314 26.22 20.03 -14.69
CA THR D 314 24.77 19.95 -14.65
C THR D 314 24.26 20.25 -13.25
N VAL D 315 24.96 19.76 -12.24
CA VAL D 315 24.57 19.97 -10.85
C VAL D 315 24.75 21.43 -10.43
N LEU D 316 25.73 22.12 -11.00
CA LEU D 316 26.00 23.54 -10.68
C LEU D 316 24.99 24.48 -11.36
N ARG D 317 24.74 24.21 -12.63
CA ARG D 317 23.67 24.85 -13.38
C ARG D 317 22.29 24.75 -12.71
N ALA D 318 22.01 23.62 -12.06
CA ALA D 318 20.66 23.34 -11.57
C ALA D 318 20.28 24.18 -10.36
N GLY D 319 21.26 24.56 -9.54
CA GLY D 319 20.99 25.23 -8.28
C GLY D 319 20.16 24.33 -7.37
N ASP D 320 19.04 24.84 -6.91
CA ASP D 320 18.15 24.11 -6.01
C ASP D 320 17.04 23.34 -6.72
N ARG D 321 17.09 23.23 -8.04
CA ARG D 321 16.07 22.49 -8.78
C ARG D 321 16.36 21.00 -8.64
N GLU D 322 15.65 20.37 -7.71
CA GLU D 322 15.91 18.99 -7.34
C GLU D 322 15.49 17.96 -8.38
N ASP D 323 14.62 18.32 -9.33
CA ASP D 323 14.30 17.39 -10.43
C ASP D 323 15.50 17.18 -11.39
N ILE D 324 16.46 18.11 -11.38
CA ILE D 324 17.66 18.00 -12.18
C ILE D 324 18.84 17.43 -11.39
N THR D 325 19.11 17.94 -10.19
CA THR D 325 20.25 17.45 -9.40
C THR D 325 20.09 16.02 -8.91
N GLU D 326 18.88 15.54 -8.73
CA GLU D 326 18.66 14.18 -8.24
C GLU D 326 19.15 13.11 -9.22
N PRO D 327 18.68 13.11 -10.48
CA PRO D 327 19.21 12.15 -11.47
C PRO D 327 20.69 12.37 -11.80
N ALA D 328 21.14 13.61 -11.83
CA ALA D 328 22.54 13.91 -12.09
C ALA D 328 23.46 13.38 -10.98
N ILE D 329 23.05 13.56 -9.73
CA ILE D 329 23.79 13.07 -8.57
C ILE D 329 23.72 11.52 -8.48
N CYS D 330 22.57 10.95 -8.81
CA CYS D 330 22.45 9.50 -8.86
C CYS D 330 23.41 8.89 -9.88
N ALA D 331 23.53 9.54 -11.04
CA ALA D 331 24.41 9.05 -12.10
C ALA D 331 25.87 9.14 -11.67
N LEU D 332 26.24 10.23 -11.00
CA LEU D 332 27.60 10.37 -10.47
C LEU D 332 27.89 9.30 -9.43
N ARG D 333 26.88 8.99 -8.62
CA ARG D 333 26.96 7.89 -7.65
C ARG D 333 27.34 6.62 -8.37
N HIS D 334 26.63 6.28 -9.44
CA HIS D 334 26.85 5.04 -10.18
C HIS D 334 28.26 4.97 -10.76
N LEU D 335 28.72 6.11 -11.30
CA LEU D 335 29.99 6.19 -12.00
C LEU D 335 31.18 6.20 -11.06
N THR D 336 30.94 6.37 -9.76
CA THR D 336 32.01 6.34 -8.76
C THR D 336 32.05 5.02 -7.98
N SER D 337 31.43 3.96 -8.50
CA SER D 337 31.52 2.65 -7.86
C SER D 337 31.63 1.51 -8.86
N ARG D 338 32.47 0.53 -8.51
CA ARG D 338 32.43 -0.80 -9.10
C ARG D 338 32.65 -0.83 -10.61
N HIS D 339 33.77 -0.28 -11.06
CA HIS D 339 34.27 -0.49 -12.43
C HIS D 339 35.72 -0.04 -12.54
N GLN D 340 36.41 -0.53 -13.57
CA GLN D 340 37.84 -0.24 -13.79
C GLN D 340 38.23 1.23 -13.57
N GLU D 341 37.40 2.18 -13.99
CA GLU D 341 37.71 3.62 -13.87
C GLU D 341 37.01 4.34 -12.71
N ALA D 342 36.54 3.57 -11.73
CA ALA D 342 35.78 4.13 -10.61
C ALA D 342 36.62 5.06 -9.76
N GLU D 343 37.87 4.71 -9.53
CA GLU D 343 38.78 5.54 -8.74
C GLU D 343 39.10 6.85 -9.47
N MET D 344 39.22 6.78 -10.80
CA MET D 344 39.49 7.99 -11.58
C MET D 344 38.31 8.96 -11.55
N ALA D 345 37.10 8.41 -11.58
CA ALA D 345 35.86 9.19 -11.45
C ALA D 345 35.75 9.83 -10.07
N GLN D 346 36.22 9.14 -9.05
CA GLN D 346 36.21 9.68 -7.69
C GLN D 346 37.12 10.89 -7.60
N ASN D 347 38.25 10.83 -8.30
CA ASN D 347 39.17 11.95 -8.39
C ASN D 347 38.64 13.06 -9.30
N ALA D 348 38.01 12.70 -10.40
CA ALA D 348 37.56 13.68 -11.38
C ALA D 348 36.45 14.57 -10.81
N VAL D 349 35.65 14.03 -9.89
CA VAL D 349 34.60 14.82 -9.26
C VAL D 349 35.24 15.97 -8.48
N ARG D 350 36.34 15.70 -7.78
CA ARG D 350 37.11 16.74 -7.10
C ARG D 350 37.76 17.73 -8.06
N LEU D 351 38.34 17.22 -9.14
CA LEU D 351 39.15 18.06 -10.03
C LEU D 351 38.32 19.03 -10.86
N HIS D 352 37.03 18.73 -10.99
CA HIS D 352 36.10 19.61 -11.70
C HIS D 352 35.24 20.41 -10.70
N TYR D 353 35.78 20.57 -9.49
CA TYR D 353 35.23 21.43 -8.44
C TYR D 353 33.81 21.05 -8.05
N GLY D 354 33.61 19.74 -7.89
CA GLY D 354 32.31 19.18 -7.58
C GLY D 354 32.05 19.04 -6.10
N LEU D 355 33.09 18.84 -5.30
CA LEU D 355 32.88 18.52 -3.88
C LEU D 355 32.12 19.60 -3.10
N PRO D 356 32.44 20.87 -3.29
CA PRO D 356 31.67 21.90 -2.59
C PRO D 356 30.18 21.78 -2.85
N VAL D 357 29.74 21.57 -4.10
CA VAL D 357 28.31 21.56 -4.38
C VAL D 357 27.62 20.28 -3.89
N VAL D 358 28.33 19.16 -3.96
CA VAL D 358 27.83 17.89 -3.47
C VAL D 358 27.54 17.99 -1.96
N VAL D 359 28.52 18.44 -1.19
CA VAL D 359 28.35 18.61 0.25
C VAL D 359 27.24 19.63 0.56
N LYS D 360 27.15 20.70 -0.23
CA LYS D 360 26.11 21.71 -0.04
C LYS D 360 24.69 21.14 -0.16
N LEU D 361 24.49 20.20 -1.09
CA LEU D 361 23.19 19.57 -1.32
C LEU D 361 22.70 18.64 -0.16
N LEU D 362 23.57 18.38 0.81
CA LEU D 362 23.15 17.71 2.06
C LEU D 362 22.26 18.61 2.92
N HIS D 363 22.39 19.92 2.74
CA HIS D 363 21.77 20.94 3.61
C HIS D 363 20.46 21.43 3.00
N PRO D 364 19.65 22.16 3.78
CA PRO D 364 18.40 22.70 3.23
C PRO D 364 18.70 23.72 2.13
N PRO D 365 17.84 23.87 1.12
CA PRO D 365 16.49 23.29 1.11
C PRO D 365 16.36 21.90 0.43
N SER D 366 17.33 21.02 0.56
CA SER D 366 17.24 19.70 -0.08
C SER D 366 16.24 18.77 0.64
N HIS D 367 15.49 18.03 -0.16
CA HIS D 367 14.49 17.07 0.34
C HIS D 367 15.13 15.67 0.43
N TRP D 368 14.37 14.67 0.89
CA TRP D 368 14.95 13.36 1.22
C TRP D 368 15.48 12.53 0.06
N PRO D 369 14.80 12.51 -1.09
CA PRO D 369 15.33 11.79 -2.26
C PRO D 369 16.72 12.30 -2.69
N LEU D 370 16.86 13.61 -2.84
CA LEU D 370 18.15 14.19 -3.21
C LEU D 370 19.21 13.96 -2.14
N ILE D 371 18.82 14.04 -0.86
CA ILE D 371 19.77 13.79 0.23
C ILE D 371 20.23 12.34 0.22
N LYS D 372 19.31 11.40 0.04
CA LYS D 372 19.66 9.98 0.02
C LYS D 372 20.71 9.71 -1.05
N ALA D 373 20.44 10.19 -2.26
CA ALA D 373 21.34 10.09 -3.41
C ALA D 373 22.70 10.71 -3.10
N THR D 374 22.68 11.93 -2.54
CA THR D 374 23.89 12.68 -2.26
C THR D 374 24.75 12.00 -1.17
N VAL D 375 24.09 11.34 -0.21
CA VAL D 375 24.80 10.59 0.82
C VAL D 375 25.50 9.42 0.14
N GLY D 376 24.79 8.74 -0.76
CA GLY D 376 25.34 7.64 -1.54
C GLY D 376 26.59 8.05 -2.29
N LEU D 377 26.55 9.19 -2.96
CA LEU D 377 27.69 9.69 -3.73
C LEU D 377 28.88 10.03 -2.83
N ILE D 378 28.63 10.67 -1.70
CA ILE D 378 29.70 11.05 -0.75
C ILE D 378 30.38 9.80 -0.18
N ARG D 379 29.57 8.81 0.13
CA ARG D 379 30.05 7.48 0.51
C ARG D 379 31.09 6.98 -0.50
N ASN D 380 30.76 7.05 -1.79
CA ASN D 380 31.66 6.59 -2.85
C ASN D 380 32.90 7.45 -3.03
N LEU D 381 32.75 8.78 -2.93
CA LEU D 381 33.89 9.69 -3.07
C LEU D 381 34.88 9.51 -1.92
N ALA D 382 34.39 9.00 -0.78
CA ALA D 382 35.20 8.81 0.41
C ALA D 382 36.11 7.59 0.32
N LEU D 383 35.85 6.71 -0.65
CA LEU D 383 36.72 5.56 -0.94
C LEU D 383 38.06 5.97 -1.53
N CYS D 384 38.17 7.22 -1.95
CA CYS D 384 39.41 7.81 -2.47
C CYS D 384 40.02 8.64 -1.36
N PRO D 385 41.20 8.25 -0.86
CA PRO D 385 41.86 9.00 0.22
C PRO D 385 42.14 10.47 -0.08
N ALA D 386 42.31 10.82 -1.36
CA ALA D 386 42.55 12.22 -1.74
C ALA D 386 41.33 13.15 -1.56
N ASN D 387 40.16 12.57 -1.27
CA ASN D 387 38.93 13.32 -0.99
C ASN D 387 38.65 13.51 0.50
N HIS D 388 39.38 12.80 1.36
CA HIS D 388 39.18 12.86 2.81
C HIS D 388 39.31 14.26 3.38
N ALA D 389 40.41 14.94 3.07
CA ALA D 389 40.64 16.30 3.57
C ALA D 389 39.67 17.35 3.00
N PRO D 390 39.50 17.44 1.68
CA PRO D 390 38.55 18.41 1.12
C PRO D 390 37.08 18.15 1.49
N LEU D 391 36.67 16.90 1.69
CA LEU D 391 35.31 16.62 2.17
C LEU D 391 35.11 17.15 3.59
N ARG D 392 36.17 17.12 4.39
CA ARG D 392 36.13 17.62 5.76
C ARG D 392 36.03 19.14 5.79
N GLU D 393 36.82 19.79 4.94
CA GLU D 393 36.80 21.24 4.79
C GLU D 393 35.43 21.80 4.41
N GLN D 394 34.62 21.02 3.69
CA GLN D 394 33.29 21.47 3.30
C GLN D 394 32.23 21.22 4.38
N GLY D 395 32.61 20.50 5.44
CA GLY D 395 31.75 20.26 6.58
C GLY D 395 30.87 19.02 6.43
N ALA D 396 31.40 18.00 5.77
CA ALA D 396 30.60 16.83 5.43
C ALA D 396 30.27 15.99 6.67
N ILE D 397 31.24 15.83 7.57
CA ILE D 397 31.06 14.98 8.76
C ILE D 397 29.93 15.47 9.71
N PRO D 398 30.02 16.68 10.26
CA PRO D 398 28.95 17.16 11.15
C PRO D 398 27.57 17.13 10.50
N ARG D 399 27.46 17.45 9.22
CA ARG D 399 26.17 17.42 8.55
C ARG D 399 25.64 16.00 8.34
N LEU D 400 26.54 15.05 8.09
CA LEU D 400 26.18 13.64 7.94
C LEU D 400 25.70 13.05 9.27
N VAL D 401 26.26 13.55 10.36
CA VAL D 401 25.92 13.12 11.71
C VAL D 401 24.56 13.68 12.09
N GLN D 402 24.31 14.94 11.75
CA GLN D 402 23.02 15.57 12.01
C GLN D 402 21.91 14.83 11.29
N LEU D 403 22.20 14.33 10.08
CA LEU D 403 21.21 13.61 9.28
C LEU D 403 20.96 12.24 9.87
N LEU D 404 22.01 11.62 10.38
CA LEU D 404 21.92 10.32 11.05
C LEU D 404 20.99 10.40 12.25
N VAL D 405 21.20 11.39 13.10
CA VAL D 405 20.46 11.53 14.34
C VAL D 405 18.98 11.74 14.06
N ARG D 406 18.68 12.55 13.04
CA ARG D 406 17.31 12.87 12.67
C ARG D 406 16.51 11.67 12.19
N ALA D 407 17.05 10.96 11.21
CA ALA D 407 16.38 9.80 10.63
C ALA D 407 16.20 8.68 11.66
N HIS D 408 17.15 8.55 12.58
CA HIS D 408 17.10 7.54 13.64
C HIS D 408 15.86 7.73 14.50
N GLN D 409 15.73 8.92 15.09
CA GLN D 409 14.63 9.21 16.00
C GLN D 409 13.29 9.44 15.27
N ASP D 410 13.33 9.51 13.94
CA ASP D 410 12.12 9.56 13.13
C ASP D 410 11.66 8.16 12.70
N THR D 411 12.24 7.13 13.31
CA THR D 411 11.87 5.74 13.03
C THR D 411 10.85 5.24 14.06
N GLN D 412 11.28 5.14 15.31
CA GLN D 412 10.48 4.56 16.39
C GLN D 412 9.25 5.40 16.77
N ARG D 413 9.37 6.73 16.68
CA ARG D 413 8.28 7.65 17.02
C ARG D 413 7.78 8.40 15.80
N PHE D 424 6.68 5.97 5.28
CA PHE D 424 7.32 6.74 4.21
C PHE D 424 7.27 8.26 4.44
N VAL D 425 8.13 8.98 3.73
CA VAL D 425 8.13 10.44 3.70
C VAL D 425 8.85 10.88 2.42
N GLU D 426 8.07 11.29 1.43
CA GLU D 426 8.54 11.58 0.07
C GLU D 426 9.11 10.34 -0.63
N GLY D 427 8.55 9.17 -0.32
CA GLY D 427 8.98 7.91 -0.93
C GLY D 427 10.22 7.29 -0.30
N VAL D 428 10.85 8.00 0.62
CA VAL D 428 12.07 7.53 1.28
C VAL D 428 11.72 7.06 2.68
N ARG D 429 12.20 5.88 3.05
CA ARG D 429 12.09 5.45 4.44
C ARG D 429 13.37 5.82 5.17
N MET D 430 13.22 6.21 6.43
CA MET D 430 14.31 6.78 7.21
C MET D 430 15.40 5.78 7.54
N GLU D 431 15.07 4.49 7.51
CA GLU D 431 16.05 3.43 7.70
C GLU D 431 17.10 3.38 6.58
N GLU D 432 16.76 3.89 5.40
CA GLU D 432 17.69 3.99 4.27
C GLU D 432 18.73 5.08 4.52
N ILE D 433 18.31 6.16 5.18
CA ILE D 433 19.23 7.24 5.53
C ILE D 433 20.15 6.84 6.69
N VAL D 434 19.61 6.12 7.67
CA VAL D 434 20.41 5.64 8.78
C VAL D 434 21.53 4.75 8.26
N GLU D 435 21.17 3.78 7.43
CA GLU D 435 22.15 2.92 6.76
C GLU D 435 23.18 3.75 5.96
N GLY D 436 22.69 4.72 5.18
CA GLY D 436 23.52 5.47 4.25
C GLY D 436 24.51 6.41 4.91
N CYS D 437 24.01 7.27 5.77
CA CYS D 437 24.84 8.18 6.56
C CYS D 437 25.91 7.43 7.33
N THR D 438 25.50 6.41 8.07
CA THR D 438 26.42 5.59 8.89
C THR D 438 27.47 4.87 8.04
N GLY D 439 27.10 4.49 6.81
CA GLY D 439 28.05 3.91 5.88
C GLY D 439 29.10 4.90 5.41
N ALA D 440 28.68 6.12 5.08
CA ALA D 440 29.60 7.15 4.65
C ALA D 440 30.62 7.49 5.74
N LEU D 441 30.19 7.38 7.00
CA LEU D 441 31.08 7.64 8.14
C LEU D 441 32.02 6.46 8.37
N HIS D 442 31.54 5.24 8.11
CA HIS D 442 32.40 4.04 8.13
C HIS D 442 33.67 4.28 7.30
N ILE D 443 33.48 4.68 6.05
CA ILE D 443 34.60 4.85 5.11
C ILE D 443 35.41 6.11 5.39
N LEU D 444 34.73 7.20 5.71
CA LEU D 444 35.39 8.45 6.10
C LEU D 444 36.29 8.28 7.33
N ALA D 445 35.95 7.32 8.19
CA ALA D 445 36.69 7.10 9.45
C ALA D 445 38.01 6.34 9.24
N ARG D 446 38.31 5.97 8.00
CA ARG D 446 39.62 5.40 7.66
C ARG D 446 40.74 6.43 7.85
N ASP D 447 40.39 7.71 7.76
CA ASP D 447 41.34 8.80 7.96
C ASP D 447 41.39 9.19 9.44
N VAL D 448 42.60 9.49 9.93
CA VAL D 448 42.81 9.79 11.35
C VAL D 448 42.14 11.10 11.80
N HIS D 449 42.31 12.17 11.01
CA HIS D 449 41.72 13.47 11.34
C HIS D 449 40.18 13.43 11.36
N ASN D 450 39.60 12.50 10.60
CA ASN D 450 38.15 12.32 10.56
C ASN D 450 37.60 11.65 11.81
N ARG D 451 38.36 10.70 12.37
CA ARG D 451 37.94 9.98 13.58
C ARG D 451 37.96 10.88 14.81
N ILE D 452 38.88 11.84 14.84
CA ILE D 452 38.89 12.84 15.91
C ILE D 452 37.60 13.66 15.84
N VAL D 453 37.21 14.08 14.64
CA VAL D 453 36.00 14.87 14.45
C VAL D 453 34.74 14.06 14.78
N ILE D 454 34.71 12.81 14.33
CA ILE D 454 33.57 11.92 14.51
C ILE D 454 33.29 11.61 15.99
N ARG D 455 34.35 11.34 16.74
CA ARG D 455 34.24 11.03 18.16
C ARG D 455 33.74 12.24 18.94
N GLY D 456 34.25 13.42 18.57
CA GLY D 456 33.98 14.66 19.28
C GLY D 456 32.64 15.28 18.98
N LEU D 457 31.77 14.54 18.29
CA LEU D 457 30.39 14.95 18.06
C LEU D 457 29.42 14.07 18.86
N ASN D 458 29.95 13.45 19.92
CA ASN D 458 29.17 12.57 20.80
C ASN D 458 28.37 11.52 20.05
N THR D 459 29.05 10.86 19.14
CA THR D 459 28.41 9.94 18.19
C THR D 459 28.37 8.50 18.69
N ILE D 460 29.25 8.16 19.61
CA ILE D 460 29.43 6.76 20.02
C ILE D 460 28.20 6.15 20.70
N PRO D 461 27.50 6.92 21.55
CA PRO D 461 26.21 6.46 22.10
C PRO D 461 25.16 6.10 21.04
N LEU D 462 25.18 6.83 19.92
CA LEU D 462 24.28 6.59 18.80
C LEU D 462 24.57 5.27 18.10
N PHE D 463 25.84 5.02 17.79
CA PHE D 463 26.25 3.83 17.03
C PHE D 463 25.96 2.54 17.80
N VAL D 464 26.09 2.62 19.12
CA VAL D 464 25.83 1.49 20.01
C VAL D 464 24.33 1.15 20.02
N GLN D 465 23.49 2.17 20.04
CA GLN D 465 22.03 1.97 20.00
C GLN D 465 21.59 1.29 18.70
N LEU D 466 22.37 1.52 17.63
CA LEU D 466 22.07 0.96 16.30
C LEU D 466 22.45 -0.51 16.16
N LEU D 467 23.28 -1.02 17.08
CA LEU D 467 23.59 -2.46 17.13
C LEU D 467 22.38 -3.31 17.51
N TYR D 468 21.39 -2.71 18.20
CA TYR D 468 20.17 -3.39 18.59
C TYR D 468 19.03 -3.20 17.56
N SER D 469 19.36 -2.67 16.39
CA SER D 469 18.38 -2.43 15.32
C SER D 469 18.06 -3.77 14.65
N PRO D 470 16.80 -3.97 14.24
CA PRO D 470 16.39 -5.22 13.61
C PRO D 470 16.94 -5.40 12.19
N ILE D 471 17.09 -4.32 11.44
CA ILE D 471 17.63 -4.39 10.07
C ILE D 471 19.12 -4.78 10.12
N GLU D 472 19.49 -5.78 9.34
CA GLU D 472 20.85 -6.32 9.35
C GLU D 472 21.90 -5.36 8.78
N ASN D 473 21.53 -4.61 7.73
CA ASN D 473 22.43 -3.64 7.10
C ASN D 473 22.87 -2.49 8.04
N ILE D 474 21.95 -2.02 8.88
CA ILE D 474 22.25 -0.97 9.85
C ILE D 474 23.18 -1.49 10.95
N GLN D 475 23.08 -2.77 11.30
CA GLN D 475 23.99 -3.41 12.25
C GLN D 475 25.40 -3.54 11.68
N ARG D 476 25.48 -3.94 10.42
CA ARG D 476 26.77 -4.19 9.75
C ARG D 476 27.63 -2.95 9.75
N VAL D 477 27.07 -1.87 9.20
CA VAL D 477 27.78 -0.62 9.02
C VAL D 477 27.96 0.15 10.34
N ALA D 478 27.07 -0.08 11.31
CA ALA D 478 27.23 0.50 12.64
C ALA D 478 28.43 -0.09 13.36
N ALA D 479 28.61 -1.41 13.24
CA ALA D 479 29.74 -2.09 13.85
C ALA D 479 31.02 -1.80 13.08
N GLY D 480 30.90 -1.55 11.77
CA GLY D 480 32.04 -1.22 10.96
C GLY D 480 32.66 0.11 11.37
N VAL D 481 31.82 1.12 11.61
CA VAL D 481 32.29 2.43 12.01
C VAL D 481 32.79 2.44 13.46
N LEU D 482 32.25 1.54 14.28
CA LEU D 482 32.73 1.36 15.66
C LEU D 482 34.10 0.63 15.67
N CYS D 483 34.31 -0.19 14.65
CA CYS D 483 35.54 -0.95 14.45
C CYS D 483 36.72 -0.06 14.10
N GLU D 484 36.47 0.93 13.24
CA GLU D 484 37.51 1.85 12.77
C GLU D 484 37.82 2.88 13.85
N LEU D 485 36.80 3.25 14.62
CA LEU D 485 36.95 4.15 15.76
C LEU D 485 37.79 3.53 16.89
N ALA D 486 37.75 2.19 16.98
CA ALA D 486 38.43 1.45 18.04
C ALA D 486 39.94 1.34 17.85
N GLN D 487 40.46 1.81 16.71
CA GLN D 487 41.90 1.82 16.47
C GLN D 487 42.66 2.77 17.40
N ASP D 488 41.95 3.76 17.96
CA ASP D 488 42.49 4.60 19.04
C ASP D 488 42.05 4.05 20.41
N LYS D 489 42.90 4.22 21.41
CA LYS D 489 42.69 3.61 22.74
C LYS D 489 41.60 4.27 23.58
N GLU D 490 41.48 5.60 23.51
CA GLU D 490 40.47 6.34 24.28
C GLU D 490 39.05 6.02 23.83
N ALA D 491 38.86 5.87 22.51
CA ALA D 491 37.55 5.58 21.93
C ALA D 491 37.08 4.13 22.16
N ALA D 492 38.00 3.24 22.53
CA ALA D 492 37.69 1.85 22.78
C ALA D 492 36.95 1.62 24.11
N GLU D 493 37.29 2.39 25.14
CA GLU D 493 36.64 2.24 26.45
C GLU D 493 35.45 3.21 26.60
N ALA D 494 35.41 4.24 25.75
CA ALA D 494 34.19 5.04 25.59
C ALA D 494 33.11 4.14 24.97
N ILE D 495 33.55 3.16 24.19
CA ILE D 495 32.67 2.12 23.65
C ILE D 495 32.25 1.16 24.76
N GLU D 496 33.21 0.75 25.59
CA GLU D 496 32.94 -0.18 26.68
C GLU D 496 31.97 0.43 27.69
N ALA D 497 32.13 1.74 27.92
CA ALA D 497 31.36 2.45 28.94
C ALA D 497 29.87 2.53 28.60
N GLU D 498 29.55 2.44 27.30
CA GLU D 498 28.17 2.49 26.83
C GLU D 498 27.45 1.13 26.88
N GLY D 499 28.15 0.08 27.33
CA GLY D 499 27.59 -1.25 27.38
C GLY D 499 27.49 -1.88 26.00
N ALA D 500 28.53 -1.66 25.19
CA ALA D 500 28.57 -2.16 23.82
C ALA D 500 28.84 -3.67 23.77
N THR D 501 29.44 -4.20 24.84
CA THR D 501 29.81 -5.62 24.92
C THR D 501 28.61 -6.58 24.82
N ALA D 502 27.48 -6.17 25.41
CA ALA D 502 26.28 -7.02 25.44
C ALA D 502 25.65 -7.26 24.06
N PRO D 503 25.19 -6.21 23.37
CA PRO D 503 24.52 -6.39 22.07
C PRO D 503 25.42 -6.90 20.95
N LEU D 504 26.71 -6.58 21.01
CA LEU D 504 27.66 -6.95 19.94
C LEU D 504 28.15 -8.40 20.06
N THR D 505 28.00 -8.99 21.24
CA THR D 505 28.32 -10.41 21.45
C THR D 505 27.32 -11.29 20.71
N GLU D 506 26.07 -10.86 20.68
CA GLU D 506 25.01 -11.55 19.94
C GLU D 506 25.20 -11.46 18.44
N LEU D 507 25.78 -10.35 17.98
CA LEU D 507 26.05 -10.14 16.56
C LEU D 507 27.17 -11.06 16.05
N LEU D 508 28.07 -11.45 16.95
CA LEU D 508 29.21 -12.32 16.59
C LEU D 508 28.79 -13.72 16.12
N HIS D 509 27.61 -14.18 16.52
CA HIS D 509 27.12 -15.52 16.16
C HIS D 509 25.75 -15.41 15.47
N SER D 510 25.75 -14.93 14.22
CA SER D 510 24.51 -14.71 13.47
C SER D 510 24.66 -14.76 11.94
N ARG D 511 23.51 -14.94 11.26
CA ARG D 511 23.43 -15.16 9.81
C ARG D 511 24.41 -14.32 8.96
N ASN D 512 24.38 -13.01 9.16
CA ASN D 512 25.23 -12.11 8.39
C ASN D 512 26.69 -12.20 8.87
N GLU D 513 27.56 -12.72 8.00
CA GLU D 513 28.97 -12.94 8.32
C GLU D 513 29.79 -11.65 8.28
N GLY D 514 29.30 -10.64 7.57
CA GLY D 514 29.93 -9.32 7.57
C GLY D 514 29.74 -8.62 8.91
N VAL D 515 28.54 -8.75 9.48
CA VAL D 515 28.24 -8.24 10.82
C VAL D 515 29.11 -8.92 11.87
N ALA D 516 29.30 -10.24 11.74
CA ALA D 516 30.01 -11.04 12.72
C ALA D 516 31.53 -10.77 12.71
N THR D 517 32.06 -10.37 11.57
CA THR D 517 33.49 -10.09 11.44
C THR D 517 33.86 -8.76 12.09
N TYR D 518 33.02 -7.75 11.90
CA TYR D 518 33.24 -6.43 12.49
C TYR D 518 32.94 -6.42 14.00
N ALA D 519 32.01 -7.27 14.44
CA ALA D 519 31.55 -7.29 15.83
C ALA D 519 32.58 -7.92 16.78
N ALA D 520 33.15 -9.05 16.38
CA ALA D 520 34.20 -9.70 17.15
C ALA D 520 35.52 -8.92 17.06
N ALA D 521 35.66 -8.10 16.01
CA ALA D 521 36.82 -7.23 15.85
C ALA D 521 36.77 -6.01 16.80
N VAL D 522 35.56 -5.59 17.16
CA VAL D 522 35.37 -4.46 18.08
C VAL D 522 35.66 -4.86 19.54
N LEU D 523 35.71 -6.16 19.80
CA LEU D 523 36.10 -6.70 21.11
C LEU D 523 37.61 -6.94 21.20
N PHE D 524 38.23 -7.25 20.05
CA PHE D 524 39.68 -7.40 19.96
C PHE D 524 40.38 -6.08 20.30
N ARG D 525 39.81 -4.99 19.82
CA ARG D 525 40.33 -3.64 20.08
C ARG D 525 39.88 -3.13 21.46
N MET D 526 38.70 -3.56 21.92
CA MET D 526 38.17 -3.18 23.23
C MET D 526 38.02 -4.41 24.12
N LEU E 12 31.19 -2.48 -0.70
CA LEU E 12 32.10 -1.31 -0.82
C LEU E 12 31.54 -0.23 -1.78
N GLY E 13 30.84 0.75 -1.19
CA GLY E 13 30.13 1.76 -1.94
C GLY E 13 28.62 1.63 -1.82
N ALA E 14 27.92 2.73 -2.07
CA ALA E 14 26.46 2.75 -2.02
C ALA E 14 25.86 1.89 -3.12
N ASN E 15 24.65 1.40 -2.88
CA ASN E 15 23.94 0.64 -3.88
C ASN E 15 23.43 1.54 -4.98
N ASP E 16 23.63 1.10 -6.22
CA ASP E 16 23.02 1.73 -7.37
C ASP E 16 21.51 1.52 -7.32
N GLU E 17 20.76 2.56 -7.68
CA GLU E 17 19.30 2.52 -7.65
C GLU E 17 18.68 3.07 -8.93
N LEU E 18 17.44 2.64 -9.20
CA LEU E 18 16.69 3.10 -10.36
C LEU E 18 15.67 4.17 -9.94
N ILE E 19 15.32 5.02 -10.91
CA ILE E 19 14.33 6.06 -10.73
C ILE E 19 13.19 5.75 -11.69
N SER E 20 11.97 5.70 -11.15
CA SER E 20 10.79 5.37 -11.93
C SER E 20 10.36 6.59 -12.75
N PHE E 21 10.26 6.40 -14.06
CA PHE E 21 9.85 7.47 -14.97
C PHE E 21 8.70 6.95 -15.84
N LYS E 22 7.53 7.57 -15.71
CA LYS E 22 6.34 7.15 -16.45
C LYS E 22 5.45 8.35 -16.79
N ASP E 23 5.95 9.19 -17.70
CA ASP E 23 5.22 10.36 -18.20
C ASP E 23 4.73 10.11 -19.62
N GLU E 24 3.41 10.04 -19.78
CA GLU E 24 2.74 9.67 -21.03
C GLU E 24 2.44 10.89 -21.92
N GLY E 25 2.37 12.08 -21.30
CA GLY E 25 2.06 13.32 -22.01
C GLY E 25 0.58 13.68 -21.96
N GLU E 26 0.11 14.41 -22.98
CA GLU E 26 -1.30 14.80 -23.08
C GLU E 26 -1.59 15.37 -24.48
N GLN E 27 -1.96 14.50 -25.43
CA GLN E 27 -2.26 14.92 -26.80
C GLN E 27 -3.46 15.89 -26.86
N GLU E 28 -3.76 16.40 -28.05
CA GLU E 28 -4.94 17.25 -28.26
C GLU E 28 -5.52 17.11 -29.67
N ASP E 40 -1.87 19.51 -39.73
CA ASP E 40 -0.74 18.63 -39.42
C ASP E 40 -0.69 17.46 -40.40
N LEU E 41 -1.70 16.58 -40.31
CA LEU E 41 -1.82 15.47 -41.22
C LEU E 41 -2.86 15.76 -42.31
N ALA E 42 -3.48 16.93 -42.24
CA ALA E 42 -4.50 17.31 -43.22
C ALA E 42 -4.01 17.11 -44.65
N ASP E 43 -2.81 17.62 -44.94
CA ASP E 43 -2.23 17.56 -46.29
C ASP E 43 -1.77 16.15 -46.67
N VAL E 44 -1.26 15.43 -45.68
CA VAL E 44 -0.84 14.05 -45.84
C VAL E 44 -2.06 13.22 -46.27
N LYS E 45 -3.19 13.46 -45.62
CA LYS E 45 -4.43 12.76 -45.93
C LYS E 45 -4.96 13.12 -47.32
N SER E 46 -4.92 14.40 -47.68
CA SER E 46 -5.49 14.84 -48.96
C SER E 46 -4.65 14.46 -50.18
N SER E 47 -3.32 14.37 -50.00
CA SER E 47 -2.43 13.99 -51.10
C SER E 47 -2.39 12.47 -51.31
N LEU E 48 -2.54 11.72 -50.22
CA LEU E 48 -2.64 10.27 -50.27
C LEU E 48 -3.86 9.78 -51.05
N VAL E 49 -5.01 10.40 -50.82
CA VAL E 49 -6.25 9.99 -51.51
C VAL E 49 -6.31 10.50 -52.96
N ASN E 50 -5.70 11.66 -53.24
CA ASN E 50 -5.65 12.21 -54.59
C ASN E 50 -4.47 11.64 -55.37
N GLN F 9 -33.71 -12.95 -67.57
CA GLN F 9 -33.00 -12.20 -66.49
C GLN F 9 -32.49 -10.84 -66.99
N LEU F 10 -32.11 -10.77 -68.26
CA LEU F 10 -31.62 -9.54 -68.89
C LEU F 10 -32.72 -8.46 -69.01
N GLU F 11 -33.97 -8.87 -68.83
CA GLU F 11 -35.12 -7.97 -68.83
C GLU F 11 -35.06 -6.95 -67.67
N HIS F 12 -34.69 -7.44 -66.48
CA HIS F 12 -34.55 -6.61 -65.28
C HIS F 12 -33.34 -5.69 -65.39
N ARG F 13 -32.27 -6.21 -65.98
CA ARG F 13 -31.05 -5.44 -66.23
C ARG F 13 -31.34 -4.21 -67.09
N GLU F 14 -32.13 -4.40 -68.15
CA GLU F 14 -32.39 -3.34 -69.13
C GLU F 14 -33.26 -2.24 -68.52
N ARG F 15 -34.32 -2.62 -67.82
CA ARG F 15 -35.21 -1.65 -67.17
C ARG F 15 -34.46 -0.79 -66.15
N SER F 16 -33.59 -1.44 -65.35
CA SER F 16 -32.84 -0.78 -64.28
C SER F 16 -31.68 0.08 -64.82
N LEU F 17 -31.03 -0.40 -65.87
CA LEU F 17 -29.90 0.34 -66.48
C LEU F 17 -30.41 1.62 -67.14
N GLN F 18 -31.60 1.54 -67.72
CA GLN F 18 -32.22 2.66 -68.42
C GLN F 18 -32.67 3.73 -67.42
N THR F 19 -33.13 3.30 -66.24
CA THR F 19 -33.50 4.24 -65.17
C THR F 19 -32.29 5.05 -64.70
N LEU F 20 -31.11 4.44 -64.74
CA LEU F 20 -29.86 5.10 -64.35
C LEU F 20 -29.38 6.09 -65.42
N ARG F 21 -29.60 5.76 -66.69
CA ARG F 21 -29.31 6.69 -67.78
C ARG F 21 -30.25 7.89 -67.67
N ASP F 22 -31.52 7.62 -67.36
CA ASP F 22 -32.55 8.65 -67.17
C ASP F 22 -32.23 9.62 -66.04
N ILE F 23 -31.73 9.08 -64.93
CA ILE F 23 -31.65 9.84 -63.68
C ILE F 23 -30.39 10.72 -63.57
N GLN F 24 -29.48 10.61 -64.54
CA GLN F 24 -28.40 11.58 -64.68
C GLN F 24 -29.01 12.95 -65.00
N ARG F 25 -29.98 12.95 -65.93
CA ARG F 25 -30.73 14.15 -66.27
C ARG F 25 -31.79 14.41 -65.21
#